data_4YPR
#
_entry.id   4YPR
#
_cell.length_a   105.272
_cell.length_b   105.272
_cell.length_c   235.374
_cell.angle_alpha   90.000
_cell.angle_beta   90.000
_cell.angle_gamma   120.000
#
_symmetry.space_group_name_H-M   'P 61'
#
loop_
_entity.id
_entity.type
_entity.pdbx_description
1 polymer 'A/G-specific adenine glycosylase'
2 polymer "DNA (5'-D(*T*GP*TP*CP*CP*AP*CP*GP*TP*CP*T)-3')"
3 polymer "DNA (5'-D(*AP*AP*GP*AP*CP*(8OG)P*TP*GP*GP*AP*C)-3')"
4 non-polymer 'IRON/SULFUR CLUSTER'
5 water water
#
loop_
_entity_poly.entity_id
_entity_poly.type
_entity_poly.pdbx_seq_one_letter_code
_entity_poly.pdbx_strand_id
1 'polypeptide(L)'
;GSHMTRETERFPAREFQRDLLDWFARERRDLPWRKDRDPYKVWVSEVMLQQTRVETVIPYFEQFIDRFPTLEALADADED
EVLKAWEGLGYYSRVRNLHAAVKEVKTRYGGKVPDDPDEFSRLKGVGPYTVGAVLSLAYGVPEPAVNGNVMRVLSRLFLV
TDDIAKCSTRKRFEQIVREIMAYENPGAFNEALIELGALVCTPRRPSCLLCPVQAYCQAFAEGVAEELPVKMKKTAVKQV
PLAVAVLADDEGRVLIRKRDSTGLLANLWEFPSCETDGADGKEKLEQMVGEQYGLQVELTEPIVSFEHAFSHLVWQLTVF
PGRLVHGGPVEEPYRLAPEDELKAYAFPVSHQRVWREYKEWASGVRPPP
;
A,B
2 'polydeoxyribonucleotide' (DT)(DG)(DT)(DC)(DC)(DA)(DC)(DG)(DT)(DC)(DT) C,E
3 'polydeoxyribonucleotide' (DA)(DA)(DG)(DA)(DC)(8OG)(DT)(DG)(DG)(DA)(DC) D,F
#
loop_
_chem_comp.id
_chem_comp.type
_chem_comp.name
_chem_comp.formula
8OG DNA linking 8-OXO-2'-DEOXY-GUANOSINE-5'-MONOPHOSPHATE 'C10 H14 N5 O8 P'
DA DNA linking 2'-DEOXYADENOSINE-5'-MONOPHOSPHATE 'C10 H14 N5 O6 P'
DC DNA linking 2'-DEOXYCYTIDINE-5'-MONOPHOSPHATE 'C9 H14 N3 O7 P'
DG DNA linking 2'-DEOXYGUANOSINE-5'-MONOPHOSPHATE 'C10 H14 N5 O7 P'
DT DNA linking THYMIDINE-5'-MONOPHOSPHATE 'C10 H15 N2 O8 P'
SF4 non-polymer 'IRON/SULFUR CLUSTER' 'Fe4 S4'
#
# COMPACT_ATOMS: atom_id res chain seq x y z
N GLU A 9 -34.45 -37.86 25.15
CA GLU A 9 -35.24 -38.94 24.55
C GLU A 9 -36.35 -39.47 25.47
N ARG A 10 -36.12 -40.63 26.11
CA ARG A 10 -37.00 -41.16 27.18
C ARG A 10 -37.19 -40.09 28.28
N PHE A 11 -36.54 -40.27 29.44
CA PHE A 11 -36.13 -39.14 30.28
C PHE A 11 -37.23 -38.35 31.00
N PRO A 12 -37.08 -38.24 32.33
CA PRO A 12 -37.97 -37.46 33.21
C PRO A 12 -37.90 -35.96 32.91
N ALA A 13 -38.33 -35.55 31.73
CA ALA A 13 -38.12 -34.18 31.30
C ALA A 13 -38.83 -33.18 32.24
N ARG A 14 -40.07 -33.46 32.58
CA ARG A 14 -40.88 -32.56 33.39
C ARG A 14 -40.17 -32.18 34.68
N GLU A 15 -39.49 -33.12 35.33
CA GLU A 15 -38.86 -32.76 36.61
C GLU A 15 -37.45 -32.22 36.40
N PHE A 16 -36.80 -32.67 35.33
CA PHE A 16 -35.57 -32.02 34.89
C PHE A 16 -35.79 -30.52 34.73
N GLN A 17 -36.85 -30.20 33.99
CA GLN A 17 -37.24 -28.82 33.79
C GLN A 17 -37.51 -28.08 35.11
N ARG A 18 -38.25 -28.70 36.03
CA ARG A 18 -38.56 -28.05 37.29
C ARG A 18 -37.26 -27.80 38.07
N ASP A 19 -36.39 -28.80 38.16
CA ASP A 19 -35.06 -28.57 38.76
C ASP A 19 -34.21 -27.47 38.08
N LEU A 20 -34.17 -27.48 36.76
CA LEU A 20 -33.36 -26.49 36.04
C LEU A 20 -33.87 -25.07 36.24
N LEU A 21 -35.18 -24.88 36.05
CA LEU A 21 -35.80 -23.55 36.17
C LEU A 21 -35.78 -23.06 37.61
N ASP A 22 -36.03 -23.96 38.56
CA ASP A 22 -35.93 -23.62 39.98
C ASP A 22 -34.58 -23.03 40.32
N TRP A 23 -33.53 -23.65 39.77
CA TRP A 23 -32.17 -23.18 39.98
C TRP A 23 -31.96 -21.82 39.30
N PHE A 24 -32.46 -21.71 38.08
CA PHE A 24 -32.19 -20.54 37.28
C PHE A 24 -32.87 -19.33 37.89
N ALA A 25 -34.08 -19.53 38.38
CA ALA A 25 -34.84 -18.44 39.00
C ALA A 25 -34.11 -17.84 40.21
N ARG A 26 -33.59 -18.73 41.07
CA ARG A 26 -32.77 -18.41 42.25
C ARG A 26 -31.42 -17.79 41.93
N GLU A 27 -30.66 -18.48 41.06
CA GLU A 27 -29.22 -18.23 40.88
C GLU A 27 -28.93 -17.26 39.75
N ARG A 28 -29.98 -16.88 39.02
CA ARG A 28 -29.89 -15.90 37.95
C ARG A 28 -29.01 -14.70 38.33
N ARG A 29 -28.18 -14.30 37.36
CA ARG A 29 -27.16 -13.25 37.50
C ARG A 29 -27.71 -11.86 37.05
N ASP A 30 -27.09 -10.76 37.52
CA ASP A 30 -27.56 -9.41 37.09
C ASP A 30 -26.93 -8.87 35.80
N LEU A 31 -27.72 -8.84 34.73
CA LEU A 31 -27.28 -8.49 33.40
C LEU A 31 -28.20 -7.42 32.82
N PRO A 32 -27.61 -6.35 32.25
CA PRO A 32 -28.39 -5.19 31.81
C PRO A 32 -29.46 -5.56 30.79
N TRP A 33 -29.21 -6.57 29.98
CA TRP A 33 -30.13 -6.89 28.89
C TRP A 33 -31.29 -7.75 29.39
N ARG A 34 -31.24 -8.08 30.66
CA ARG A 34 -32.33 -8.80 31.34
C ARG A 34 -33.29 -7.84 32.02
N LYS A 35 -32.96 -6.55 32.09
CA LYS A 35 -33.73 -5.59 32.87
C LYS A 35 -35.07 -5.38 32.19
N ASP A 36 -35.15 -5.74 30.92
CA ASP A 36 -36.44 -5.97 30.25
C ASP A 36 -36.36 -6.96 29.08
N ARG A 37 -37.48 -7.16 28.38
CA ARG A 37 -37.53 -8.15 27.32
C ARG A 37 -37.90 -7.48 26.00
N ASP A 38 -37.40 -6.25 25.80
CA ASP A 38 -37.55 -5.56 24.51
C ASP A 38 -36.76 -6.28 23.43
N PRO A 39 -37.45 -6.74 22.38
CA PRO A 39 -36.86 -7.53 21.30
C PRO A 39 -35.68 -6.87 20.64
N TYR A 40 -35.71 -5.55 20.45
CA TYR A 40 -34.52 -4.87 19.96
C TYR A 40 -33.35 -5.05 20.92
N LYS A 41 -33.55 -4.63 22.17
CA LYS A 41 -32.52 -4.75 23.20
C LYS A 41 -32.00 -6.19 23.32
N VAL A 42 -32.93 -7.15 23.29
CA VAL A 42 -32.57 -8.56 23.42
C VAL A 42 -31.72 -8.98 22.25
N TRP A 43 -32.16 -8.57 21.07
CA TRP A 43 -31.48 -8.89 19.81
C TRP A 43 -30.05 -8.31 19.83
N VAL A 44 -29.88 -7.05 20.22
CA VAL A 44 -28.54 -6.50 20.30
C VAL A 44 -27.66 -7.36 21.21
N SER A 45 -28.18 -7.71 22.37
CA SER A 45 -27.37 -8.41 23.36
C SER A 45 -26.93 -9.78 22.83
N GLU A 46 -27.83 -10.47 22.16
CA GLU A 46 -27.46 -11.77 21.60
C GLU A 46 -26.47 -11.65 20.43
N VAL A 47 -26.53 -10.57 19.66
CA VAL A 47 -25.49 -10.35 18.66
C VAL A 47 -24.13 -10.02 19.35
N MET A 48 -24.15 -9.21 20.41
CA MET A 48 -22.91 -8.91 21.11
C MET A 48 -22.28 -10.12 21.78
N LEU A 49 -23.12 -11.02 22.29
CA LEU A 49 -22.65 -12.18 23.01
C LEU A 49 -22.13 -13.29 22.11
N GLN A 50 -22.32 -13.14 20.79
CA GLN A 50 -21.83 -14.15 19.87
C GLN A 50 -20.32 -14.27 19.97
N GLN A 51 -19.84 -15.44 20.37
CA GLN A 51 -18.40 -15.70 20.39
C GLN A 51 -17.68 -14.71 21.30
N THR A 52 -18.40 -14.22 22.31
CA THR A 52 -17.88 -13.21 23.22
C THR A 52 -18.37 -13.53 24.61
N ARG A 53 -17.52 -13.39 25.61
CA ARG A 53 -17.92 -13.72 27.00
C ARG A 53 -18.81 -12.61 27.65
N VAL A 54 -19.78 -13.05 28.46
CA VAL A 54 -20.78 -12.17 29.09
C VAL A 54 -20.18 -10.92 29.77
N GLU A 55 -19.11 -11.10 30.55
CA GLU A 55 -18.52 -9.95 31.24
C GLU A 55 -17.98 -8.91 30.30
N THR A 56 -17.33 -9.36 29.25
CA THR A 56 -16.81 -8.50 28.20
C THR A 56 -17.89 -7.58 27.70
N VAL A 57 -19.02 -8.18 27.37
CA VAL A 57 -20.13 -7.53 26.70
C VAL A 57 -20.85 -6.44 27.53
N ILE A 58 -20.96 -6.65 28.84
CA ILE A 58 -21.82 -5.80 29.69
C ILE A 58 -21.66 -4.29 29.49
N PRO A 59 -20.42 -3.76 29.53
CA PRO A 59 -20.34 -2.31 29.30
C PRO A 59 -20.60 -1.91 27.85
N TYR A 60 -20.24 -2.76 26.89
CA TYR A 60 -20.58 -2.46 25.49
C TYR A 60 -22.06 -2.31 25.32
N PHE A 61 -22.81 -3.28 25.87
CA PHE A 61 -24.24 -3.29 25.70
C PHE A 61 -24.83 -2.03 26.28
N GLU A 62 -24.34 -1.67 27.45
CA GLU A 62 -24.79 -0.49 28.14
C GLU A 62 -24.51 0.76 27.34
N GLN A 63 -23.30 0.91 26.82
CA GLN A 63 -22.98 2.10 26.05
C GLN A 63 -23.73 2.15 24.72
N PHE A 64 -23.78 1.02 24.03
CA PHE A 64 -24.47 0.90 22.75
C PHE A 64 -25.94 1.28 22.83
N ILE A 65 -26.61 0.73 23.83
CA ILE A 65 -28.04 0.95 23.93
C ILE A 65 -28.28 2.40 24.31
N ASP A 66 -27.39 2.91 25.14
CA ASP A 66 -27.44 4.29 25.54
C ASP A 66 -27.30 5.20 24.32
N ARG A 67 -26.39 4.84 23.42
CA ARG A 67 -26.20 5.60 22.21
C ARG A 67 -27.29 5.30 21.19
N PHE A 68 -27.69 4.04 21.04
CA PHE A 68 -28.76 3.67 20.11
C PHE A 68 -29.95 3.01 20.83
N PRO A 69 -30.80 3.81 21.46
CA PRO A 69 -31.87 3.37 22.38
C PRO A 69 -32.94 2.52 21.74
N THR A 70 -33.23 2.80 20.48
CA THR A 70 -34.26 2.09 19.76
C THR A 70 -33.75 1.48 18.47
N LEU A 71 -34.44 0.44 18.02
CA LEU A 71 -34.18 -0.16 16.72
C LEU A 71 -34.14 0.90 15.65
N GLU A 72 -35.13 1.80 15.68
CA GLU A 72 -35.22 2.91 14.76
C GLU A 72 -33.91 3.73 14.76
N ALA A 73 -33.38 4.04 15.95
CA ALA A 73 -32.17 4.86 16.09
C ALA A 73 -30.93 4.20 15.53
N LEU A 74 -30.80 2.89 15.70
CA LEU A 74 -29.69 2.19 15.09
C LEU A 74 -29.77 2.27 13.57
N ALA A 75 -30.98 2.14 13.03
CA ALA A 75 -31.16 2.18 11.59
C ALA A 75 -30.73 3.53 11.01
N ASP A 76 -31.08 4.62 11.69
CA ASP A 76 -30.68 5.96 11.20
C ASP A 76 -29.18 6.32 11.39
N ALA A 77 -28.44 5.54 12.15
CA ALA A 77 -27.03 5.87 12.38
C ALA A 77 -26.18 5.66 11.13
N ASP A 78 -25.13 6.49 10.97
CA ASP A 78 -24.12 6.20 9.96
C ASP A 78 -23.40 4.91 10.33
N GLU A 79 -22.99 4.15 9.31
CA GLU A 79 -22.25 2.91 9.53
C GLU A 79 -21.03 3.11 10.44
N ASP A 80 -20.41 4.28 10.35
CA ASP A 80 -19.14 4.49 11.05
C ASP A 80 -19.38 4.70 12.55
N GLU A 81 -20.44 5.43 12.87
CA GLU A 81 -20.86 5.60 14.25
C GLU A 81 -21.09 4.25 14.95
N VAL A 82 -21.82 3.37 14.27
CA VAL A 82 -22.11 2.04 14.74
C VAL A 82 -20.84 1.21 14.88
N LEU A 83 -19.93 1.33 13.92
CA LEU A 83 -18.63 0.66 14.01
C LEU A 83 -17.83 1.08 15.24
N LYS A 84 -17.80 2.38 15.49
CA LYS A 84 -17.05 2.94 16.61
C LYS A 84 -17.61 2.44 17.93
N ALA A 85 -18.94 2.30 17.99
CA ALA A 85 -19.62 1.78 19.18
C ALA A 85 -19.15 0.36 19.43
N TRP A 86 -19.00 -0.40 18.34
CA TRP A 86 -18.47 -1.76 18.41
C TRP A 86 -16.97 -1.89 18.61
N GLU A 87 -16.22 -0.80 18.60
CA GLU A 87 -14.76 -0.89 18.58
C GLU A 87 -14.25 -1.77 19.71
N GLY A 88 -13.53 -2.82 19.35
CA GLY A 88 -12.95 -3.68 20.35
C GLY A 88 -13.61 -5.03 20.58
N LEU A 89 -14.89 -5.17 20.23
CA LEU A 89 -15.57 -6.40 20.54
C LEU A 89 -15.08 -7.53 19.65
N GLY A 90 -14.54 -7.19 18.48
CA GLY A 90 -14.15 -8.22 17.53
C GLY A 90 -15.29 -8.72 16.66
N TYR A 91 -14.96 -9.58 15.70
CA TYR A 91 -15.91 -10.07 14.74
C TYR A 91 -16.85 -8.94 14.25
N TYR A 92 -16.26 -7.97 13.55
CA TYR A 92 -16.88 -6.67 13.28
C TYR A 92 -17.96 -6.75 12.26
N SER A 93 -17.99 -7.84 11.52
CA SER A 93 -19.09 -8.11 10.61
C SER A 93 -20.42 -8.11 11.34
N ARG A 94 -20.44 -8.51 12.61
CA ARG A 94 -21.70 -8.67 13.38
C ARG A 94 -22.50 -7.39 13.38
N VAL A 95 -21.75 -6.31 13.46
CA VAL A 95 -22.34 -5.01 13.58
C VAL A 95 -22.76 -4.47 12.22
N ARG A 96 -22.07 -4.88 11.15
CA ARG A 96 -22.49 -4.50 9.80
C ARG A 96 -23.78 -5.20 9.48
N ASN A 97 -23.85 -6.49 9.79
CA ASN A 97 -25.10 -7.24 9.62
C ASN A 97 -26.26 -6.76 10.50
N LEU A 98 -25.96 -6.38 11.74
CA LEU A 98 -27.01 -5.97 12.64
C LEU A 98 -27.61 -4.67 12.12
N HIS A 99 -26.72 -3.78 11.68
CA HIS A 99 -27.13 -2.49 11.17
C HIS A 99 -28.04 -2.69 9.98
N ALA A 100 -27.57 -3.47 9.00
CA ALA A 100 -28.36 -3.80 7.83
C ALA A 100 -29.73 -4.41 8.19
N ALA A 101 -29.72 -5.41 9.05
CA ALA A 101 -30.95 -6.12 9.42
C ALA A 101 -32.00 -5.21 10.04
N VAL A 102 -31.53 -4.26 10.84
CA VAL A 102 -32.38 -3.30 11.56
C VAL A 102 -33.02 -2.30 10.61
N LYS A 103 -32.27 -1.91 9.58
CA LYS A 103 -32.82 -1.13 8.47
C LYS A 103 -33.92 -1.92 7.75
N GLU A 104 -33.71 -3.23 7.54
CA GLU A 104 -34.73 -4.02 6.88
C GLU A 104 -35.96 -4.10 7.74
N VAL A 105 -35.77 -4.28 9.04
CA VAL A 105 -36.91 -4.33 9.94
C VAL A 105 -37.66 -2.98 9.92
N LYS A 106 -36.92 -1.87 9.81
CA LYS A 106 -37.58 -0.55 9.83
C LYS A 106 -38.43 -0.32 8.59
N THR A 107 -37.87 -0.65 7.42
CA THR A 107 -38.61 -0.64 6.15
C THR A 107 -39.66 -1.78 6.03
N ARG A 108 -39.23 -3.04 5.98
CA ARG A 108 -40.15 -4.16 5.69
C ARG A 108 -41.13 -4.51 6.81
N TYR A 109 -40.72 -4.31 8.06
CA TYR A 109 -41.55 -4.80 9.16
C TYR A 109 -42.00 -3.67 10.06
N GLY A 110 -41.84 -2.44 9.58
CA GLY A 110 -42.30 -1.27 10.30
C GLY A 110 -41.75 -1.14 11.70
N GLY A 111 -40.45 -1.40 11.86
CA GLY A 111 -39.79 -1.16 13.12
C GLY A 111 -39.88 -2.29 14.11
N LYS A 112 -40.85 -3.18 13.95
CA LYS A 112 -41.06 -4.26 14.92
C LYS A 112 -40.31 -5.52 14.52
N VAL A 113 -39.48 -6.00 15.43
CA VAL A 113 -38.76 -7.26 15.23
C VAL A 113 -39.75 -8.41 15.05
N PRO A 114 -39.61 -9.14 13.94
CA PRO A 114 -40.46 -10.29 13.57
C PRO A 114 -40.49 -11.38 14.63
N ASP A 115 -41.67 -11.86 15.03
CA ASP A 115 -41.72 -12.98 15.96
C ASP A 115 -41.90 -14.32 15.26
N ASP A 116 -41.87 -14.30 13.95
CA ASP A 116 -41.90 -15.53 13.17
C ASP A 116 -40.48 -15.95 12.80
N PRO A 117 -40.08 -17.19 13.17
CA PRO A 117 -38.69 -17.65 13.05
C PRO A 117 -38.13 -17.52 11.63
N ASP A 118 -38.99 -17.71 10.65
CA ASP A 118 -38.60 -17.62 9.25
C ASP A 118 -38.32 -16.19 8.80
N GLU A 119 -39.17 -15.25 9.19
CA GLU A 119 -38.90 -13.86 8.86
C GLU A 119 -37.60 -13.47 9.54
N PHE A 120 -37.47 -13.80 10.83
CA PHE A 120 -36.30 -13.36 11.60
C PHE A 120 -35.04 -14.03 11.07
N SER A 121 -35.09 -15.34 10.84
CA SER A 121 -33.91 -16.06 10.35
C SER A 121 -33.37 -15.53 9.02
N ARG A 122 -34.22 -14.87 8.25
CA ARG A 122 -33.79 -14.33 6.97
C ARG A 122 -32.98 -13.05 7.14
N LEU A 123 -33.01 -12.43 8.31
CA LEU A 123 -32.26 -11.20 8.52
C LEU A 123 -30.80 -11.47 8.63
N LYS A 124 -29.99 -10.47 8.28
CA LYS A 124 -28.54 -10.62 8.33
C LYS A 124 -28.02 -10.76 9.76
N GLY A 125 -27.06 -11.66 9.95
CA GLY A 125 -26.37 -11.79 11.23
C GLY A 125 -27.16 -12.72 12.13
N VAL A 126 -28.41 -12.99 11.74
CA VAL A 126 -29.27 -13.88 12.53
C VAL A 126 -29.22 -15.33 12.04
N GLY A 127 -28.48 -16.16 12.77
CA GLY A 127 -28.44 -17.58 12.48
C GLY A 127 -29.37 -18.30 13.41
N PRO A 128 -29.39 -19.64 13.34
CA PRO A 128 -30.31 -20.50 14.10
C PRO A 128 -30.24 -20.30 15.60
N TYR A 129 -29.04 -20.20 16.16
CA TYR A 129 -28.94 -19.95 17.58
C TYR A 129 -29.65 -18.66 17.93
N THR A 130 -29.30 -17.58 17.23
CA THR A 130 -29.92 -16.28 17.49
C THR A 130 -31.45 -16.26 17.26
N VAL A 131 -31.96 -17.02 16.29
CA VAL A 131 -33.42 -17.15 16.13
C VAL A 131 -34.06 -17.67 17.43
N GLY A 132 -33.54 -18.80 17.93
CA GLY A 132 -34.03 -19.36 19.17
C GLY A 132 -33.89 -18.45 20.37
N ALA A 133 -32.74 -17.81 20.50
CA ALA A 133 -32.44 -17.02 21.69
C ALA A 133 -33.34 -15.81 21.76
N VAL A 134 -33.31 -15.02 20.70
CA VAL A 134 -34.05 -13.78 20.67
C VAL A 134 -35.54 -14.00 20.73
N LEU A 135 -36.04 -14.99 20.00
CA LEU A 135 -37.48 -15.15 19.87
C LEU A 135 -38.02 -15.82 21.11
N SER A 136 -37.21 -16.63 21.78
CA SER A 136 -37.73 -17.27 22.99
C SER A 136 -37.69 -16.27 24.12
N LEU A 137 -36.62 -15.50 24.23
CA LEU A 137 -36.51 -14.54 25.32
C LEU A 137 -37.49 -13.41 25.12
N ALA A 138 -37.58 -12.87 23.91
CA ALA A 138 -38.35 -11.64 23.73
C ALA A 138 -39.83 -11.88 23.44
N TYR A 139 -40.15 -13.04 22.85
CA TYR A 139 -41.52 -13.33 22.40
C TYR A 139 -42.11 -14.63 22.93
N GLY A 140 -41.31 -15.42 23.63
CA GLY A 140 -41.78 -16.71 24.10
C GLY A 140 -41.93 -17.79 23.03
N VAL A 141 -41.38 -17.57 21.84
CA VAL A 141 -41.44 -18.61 20.80
C VAL A 141 -40.59 -19.80 21.19
N PRO A 142 -41.17 -21.00 21.19
CA PRO A 142 -40.39 -22.14 21.68
C PRO A 142 -39.43 -22.76 20.67
N GLU A 143 -38.54 -21.96 20.08
CA GLU A 143 -37.44 -22.47 19.27
C GLU A 143 -36.19 -22.84 20.10
N PRO A 144 -35.49 -23.92 19.73
CA PRO A 144 -34.25 -24.22 20.46
C PRO A 144 -33.19 -23.12 20.26
N ALA A 145 -32.34 -22.94 21.25
CA ALA A 145 -31.27 -21.94 21.14
C ALA A 145 -29.97 -22.65 21.49
N VAL A 146 -29.47 -23.44 20.55
CA VAL A 146 -28.34 -24.32 20.83
C VAL A 146 -27.02 -23.66 20.46
N ASN A 147 -26.15 -23.46 21.45
CA ASN A 147 -24.80 -22.97 21.17
C ASN A 147 -23.80 -23.88 21.84
N GLY A 148 -22.55 -23.41 21.92
CA GLY A 148 -21.49 -24.20 22.54
C GLY A 148 -21.85 -24.65 23.95
N ASN A 149 -22.31 -23.71 24.77
CA ASN A 149 -22.64 -23.98 26.16
C ASN A 149 -23.71 -25.05 26.26
N VAL A 150 -24.76 -24.88 25.48
CA VAL A 150 -25.85 -25.84 25.53
C VAL A 150 -25.37 -27.22 25.07
N MET A 151 -24.56 -27.26 24.01
CA MET A 151 -24.07 -28.56 23.53
C MET A 151 -23.18 -29.26 24.56
N ARG A 152 -22.39 -28.48 25.31
CA ARG A 152 -21.56 -29.06 26.34
C ARG A 152 -22.45 -29.76 27.37
N VAL A 153 -23.43 -29.01 27.88
CA VAL A 153 -24.42 -29.50 28.85
C VAL A 153 -25.12 -30.73 28.30
N LEU A 154 -25.70 -30.60 27.11
CA LEU A 154 -26.45 -31.69 26.54
C LEU A 154 -25.53 -32.88 26.22
N SER A 155 -24.30 -32.62 25.74
CA SER A 155 -23.37 -33.72 25.44
C SER A 155 -23.08 -34.45 26.74
N ARG A 156 -23.00 -33.71 27.83
CA ARG A 156 -22.77 -34.39 29.10
C ARG A 156 -24.00 -35.09 29.65
N LEU A 157 -25.17 -34.46 29.59
CA LEU A 157 -26.38 -35.05 30.19
C LEU A 157 -26.68 -36.36 29.49
N PHE A 158 -26.56 -36.37 28.17
CA PHE A 158 -26.99 -37.51 27.39
C PHE A 158 -25.84 -38.29 26.78
N LEU A 159 -24.62 -37.89 27.13
CA LEU A 159 -23.44 -38.65 26.74
C LEU A 159 -23.33 -38.71 25.24
N VAL A 160 -23.55 -37.58 24.58
CA VAL A 160 -23.49 -37.52 23.11
C VAL A 160 -22.11 -37.16 22.61
N THR A 161 -21.55 -38.08 21.83
CA THR A 161 -20.14 -38.06 21.50
C THR A 161 -19.87 -37.55 20.11
N ASP A 162 -20.87 -36.89 19.52
CA ASP A 162 -20.72 -36.32 18.18
C ASP A 162 -19.79 -35.12 18.20
N ASP A 163 -19.03 -34.94 17.13
CA ASP A 163 -18.13 -33.81 17.02
C ASP A 163 -18.96 -32.56 16.97
N ILE A 164 -18.73 -31.73 17.96
CA ILE A 164 -19.44 -30.50 18.15
C ILE A 164 -19.16 -29.54 16.96
N ALA A 165 -18.18 -29.88 16.12
CA ALA A 165 -17.82 -29.05 14.95
C ALA A 165 -18.67 -29.36 13.71
N LYS A 166 -19.13 -30.61 13.57
CA LYS A 166 -19.93 -31.00 12.42
C LYS A 166 -21.21 -30.20 12.30
N CYS A 167 -21.51 -29.71 11.09
CA CYS A 167 -22.73 -28.92 10.82
C CYS A 167 -23.97 -29.64 11.35
N SER A 168 -24.02 -30.93 11.06
CA SER A 168 -25.11 -31.78 11.48
C SER A 168 -25.33 -31.89 12.99
N THR A 169 -24.28 -31.64 13.78
CA THR A 169 -24.35 -32.02 15.17
C THR A 169 -25.23 -31.04 15.96
N ARG A 170 -25.24 -29.76 15.57
CA ARG A 170 -26.11 -28.79 16.25
C ARG A 170 -27.56 -29.24 16.08
N LYS A 171 -27.88 -29.74 14.90
CA LYS A 171 -29.21 -30.20 14.58
C LYS A 171 -29.59 -31.36 15.51
N ARG A 172 -28.62 -32.21 15.82
CA ARG A 172 -28.90 -33.30 16.75
C ARG A 172 -29.29 -32.78 18.13
N PHE A 173 -28.58 -31.76 18.59
CA PHE A 173 -28.83 -31.20 19.89
C PHE A 173 -30.12 -30.38 19.91
N GLU A 174 -30.39 -29.70 18.81
CA GLU A 174 -31.64 -28.97 18.71
C GLU A 174 -32.81 -29.91 18.88
N GLN A 175 -32.68 -31.12 18.34
CA GLN A 175 -33.77 -32.08 18.44
C GLN A 175 -33.97 -32.53 19.88
N ILE A 176 -32.84 -32.66 20.59
CA ILE A 176 -32.87 -33.03 21.99
C ILE A 176 -33.56 -31.92 22.78
N VAL A 177 -33.24 -30.67 22.47
CA VAL A 177 -33.97 -29.54 23.07
C VAL A 177 -35.47 -29.61 22.78
N ARG A 178 -35.84 -29.80 21.51
CA ARG A 178 -37.24 -29.95 21.12
C ARG A 178 -37.93 -30.99 21.95
N GLU A 179 -37.21 -32.04 22.29
CA GLU A 179 -37.83 -33.11 23.06
C GLU A 179 -37.97 -32.77 24.52
N ILE A 180 -36.95 -32.16 25.12
CA ILE A 180 -37.00 -31.96 26.57
C ILE A 180 -37.39 -30.53 26.95
N MET A 181 -37.56 -29.66 25.96
CA MET A 181 -37.82 -28.25 26.28
C MET A 181 -39.12 -28.11 27.06
N ALA A 182 -39.18 -27.06 27.87
CA ALA A 182 -40.38 -26.71 28.63
C ALA A 182 -41.21 -25.70 27.85
N TYR A 183 -42.16 -26.20 27.06
CA TYR A 183 -42.93 -25.30 26.18
C TYR A 183 -43.80 -24.26 26.92
N GLU A 184 -43.97 -24.42 28.24
CA GLU A 184 -44.62 -23.42 29.11
C GLU A 184 -43.82 -22.13 29.18
N ASN A 185 -42.51 -22.26 29.31
CA ASN A 185 -41.64 -21.10 29.30
C ASN A 185 -40.36 -21.42 28.53
N PRO A 186 -40.45 -21.32 27.22
CA PRO A 186 -39.28 -21.65 26.41
C PRO A 186 -38.12 -20.70 26.68
N GLY A 187 -38.38 -19.41 26.86
CA GLY A 187 -37.32 -18.44 27.09
C GLY A 187 -36.53 -18.78 28.33
N ALA A 188 -37.26 -19.09 29.40
CA ALA A 188 -36.64 -19.37 30.69
C ALA A 188 -35.83 -20.64 30.58
N PHE A 189 -36.43 -21.65 29.97
CA PHE A 189 -35.76 -22.92 29.76
C PHE A 189 -34.46 -22.74 28.99
N ASN A 190 -34.58 -22.06 27.84
CA ASN A 190 -33.44 -21.84 26.96
C ASN A 190 -32.31 -21.12 27.69
N GLU A 191 -32.66 -20.05 28.40
CA GLU A 191 -31.64 -19.28 29.06
C GLU A 191 -31.05 -20.06 30.20
N ALA A 192 -31.87 -20.90 30.85
CA ALA A 192 -31.39 -21.64 32.01
C ALA A 192 -30.30 -22.60 31.56
N LEU A 193 -30.65 -23.40 30.56
CA LEU A 193 -29.72 -24.25 29.83
C LEU A 193 -28.39 -23.57 29.51
N ILE A 194 -28.48 -22.44 28.81
CA ILE A 194 -27.32 -21.64 28.45
C ILE A 194 -26.51 -21.19 29.68
N GLU A 195 -27.21 -20.62 30.65
CA GLU A 195 -26.56 -20.10 31.81
C GLU A 195 -25.98 -21.23 32.65
N LEU A 196 -26.63 -22.38 32.67
CA LEU A 196 -26.00 -23.54 33.32
C LEU A 196 -24.65 -23.88 32.66
N GLY A 197 -24.62 -23.97 31.33
CA GLY A 197 -23.38 -24.26 30.62
C GLY A 197 -22.35 -23.19 30.91
N ALA A 198 -22.83 -21.97 31.00
CA ALA A 198 -21.95 -20.84 31.20
C ALA A 198 -21.33 -20.74 32.59
N LEU A 199 -22.07 -21.03 33.64
CA LEU A 199 -21.53 -20.81 34.99
C LEU A 199 -21.14 -22.11 35.71
N VAL A 200 -21.86 -23.17 35.44
CA VAL A 200 -21.77 -24.40 36.23
C VAL A 200 -21.12 -25.53 35.41
N CYS A 201 -21.73 -25.90 34.30
CA CYS A 201 -21.23 -27.01 33.50
C CYS A 201 -20.10 -26.53 32.57
N THR A 202 -18.98 -26.21 33.18
CA THR A 202 -17.90 -25.50 32.48
C THR A 202 -16.96 -26.49 31.82
N PRO A 203 -16.16 -26.04 30.84
CA PRO A 203 -15.37 -26.92 29.95
C PRO A 203 -14.38 -27.78 30.69
N ARG A 204 -13.67 -27.18 31.64
CA ARG A 204 -12.86 -27.94 32.58
C ARG A 204 -13.48 -27.83 33.95
N ARG A 205 -13.27 -28.85 34.77
CA ARG A 205 -13.76 -28.87 36.14
C ARG A 205 -15.16 -28.27 36.35
N PRO A 206 -16.19 -28.87 35.71
CA PRO A 206 -17.54 -28.37 35.99
C PRO A 206 -17.89 -28.54 37.45
N SER A 207 -18.85 -27.77 37.93
CA SER A 207 -19.19 -27.74 39.33
C SER A 207 -20.36 -28.67 39.63
N CYS A 208 -20.18 -29.93 39.22
CA CYS A 208 -21.23 -30.93 39.32
C CYS A 208 -21.82 -31.04 40.74
N LEU A 209 -20.97 -30.90 41.74
CA LEU A 209 -21.40 -30.92 43.14
C LEU A 209 -22.50 -29.93 43.40
N LEU A 210 -22.52 -28.85 42.62
CA LEU A 210 -23.50 -27.80 42.82
C LEU A 210 -24.49 -27.74 41.69
N CYS A 211 -24.50 -28.79 40.87
CA CYS A 211 -25.29 -28.68 39.65
C CYS A 211 -26.73 -29.07 39.90
N PRO A 212 -27.67 -28.18 39.55
CA PRO A 212 -29.09 -28.47 39.75
C PRO A 212 -29.57 -29.74 39.08
N VAL A 213 -28.84 -30.26 38.08
CA VAL A 213 -29.41 -31.39 37.34
C VAL A 213 -28.50 -32.60 37.35
N GLN A 214 -27.59 -32.61 38.32
CA GLN A 214 -26.70 -33.72 38.54
C GLN A 214 -27.38 -35.08 38.42
N ALA A 215 -28.61 -35.18 38.94
CA ALA A 215 -29.29 -36.49 39.01
C ALA A 215 -29.64 -37.03 37.65
N TYR A 216 -29.63 -36.17 36.65
CA TYR A 216 -30.05 -36.54 35.30
C TYR A 216 -28.86 -36.79 34.41
N CYS A 217 -27.67 -36.53 34.93
CA CYS A 217 -26.51 -36.48 34.04
C CYS A 217 -25.76 -37.81 33.91
N GLN A 218 -25.66 -38.30 32.68
CA GLN A 218 -24.96 -39.55 32.43
C GLN A 218 -23.47 -39.39 32.54
N ALA A 219 -22.94 -38.33 31.94
CA ALA A 219 -21.51 -38.04 32.04
C ALA A 219 -21.08 -38.11 33.49
N PHE A 220 -21.89 -37.52 34.37
CA PHE A 220 -21.52 -37.42 35.77
C PHE A 220 -21.47 -38.80 36.38
N ALA A 221 -22.51 -39.58 36.10
CA ALA A 221 -22.63 -40.92 36.66
C ALA A 221 -21.50 -41.84 36.17
N GLU A 222 -21.03 -41.63 34.95
CA GLU A 222 -19.97 -42.43 34.39
C GLU A 222 -18.60 -41.82 34.65
N GLY A 223 -18.59 -40.65 35.27
CA GLY A 223 -17.35 -39.94 35.54
C GLY A 223 -16.56 -39.61 34.30
N VAL A 224 -17.20 -38.97 33.32
CA VAL A 224 -16.56 -38.66 32.05
C VAL A 224 -16.91 -37.28 31.52
N ALA A 225 -17.57 -36.48 32.36
CA ALA A 225 -17.94 -35.13 31.95
C ALA A 225 -16.77 -34.38 31.29
N GLU A 226 -15.58 -34.51 31.86
CA GLU A 226 -14.49 -33.70 31.38
C GLU A 226 -13.93 -34.14 30.01
N GLU A 227 -14.42 -35.25 29.46
CA GLU A 227 -13.97 -35.68 28.14
C GLU A 227 -15.07 -35.43 27.12
N LEU A 228 -15.97 -34.52 27.49
CA LEU A 228 -17.13 -34.18 26.69
C LEU A 228 -17.33 -32.67 26.74
N PRO A 229 -17.80 -32.06 25.63
CA PRO A 229 -18.15 -32.67 24.34
C PRO A 229 -16.93 -32.97 23.48
N VAL A 230 -17.09 -33.76 22.41
CA VAL A 230 -15.92 -34.00 21.59
C VAL A 230 -15.86 -32.92 20.51
N LYS A 231 -14.70 -32.31 20.40
CA LYS A 231 -14.45 -31.28 19.41
C LYS A 231 -13.02 -31.45 18.89
N MET A 232 -12.84 -31.34 17.59
CA MET A 232 -11.49 -31.41 17.02
C MET A 232 -10.61 -30.36 17.67
N LYS A 233 -9.40 -30.73 18.04
CA LYS A 233 -8.51 -29.78 18.71
C LYS A 233 -7.81 -28.89 17.68
N LYS A 234 -8.28 -28.98 16.42
CA LYS A 234 -7.88 -28.18 15.25
C LYS A 234 -6.69 -27.20 15.38
N THR A 235 -5.67 -27.45 14.54
CA THR A 235 -4.35 -26.86 14.67
C THR A 235 -4.16 -25.61 13.83
N ALA A 236 -2.91 -25.42 13.37
CA ALA A 236 -2.46 -24.33 12.48
C ALA A 236 -2.34 -23.00 13.18
N VAL A 237 -2.40 -21.95 12.36
CA VAL A 237 -2.49 -20.55 12.75
C VAL A 237 -2.31 -19.79 11.46
N LYS A 238 -1.16 -20.03 10.82
CA LYS A 238 -0.52 -19.13 9.84
C LYS A 238 -0.01 -17.89 10.56
N GLN A 239 1.30 -17.78 10.69
CA GLN A 239 1.89 -16.57 11.18
C GLN A 239 2.03 -15.62 10.00
N VAL A 240 1.76 -14.34 10.21
CA VAL A 240 1.79 -13.36 9.13
C VAL A 240 2.60 -12.16 9.56
N PRO A 241 3.88 -12.12 9.18
CA PRO A 241 4.73 -10.99 9.58
C PRO A 241 4.25 -9.73 8.87
N LEU A 242 4.34 -8.59 9.56
CA LEU A 242 3.66 -7.38 9.15
C LEU A 242 4.34 -6.13 9.67
N ALA A 243 4.80 -5.27 8.76
CA ALA A 243 5.46 -4.03 9.17
C ALA A 243 4.45 -2.90 9.22
N VAL A 244 4.59 -2.01 10.21
CA VAL A 244 3.58 -0.96 10.40
C VAL A 244 4.23 0.40 10.61
N ALA A 245 3.74 1.38 9.87
CA ALA A 245 4.37 2.69 9.83
C ALA A 245 3.54 3.71 10.58
N VAL A 246 4.14 4.29 11.60
CA VAL A 246 3.50 5.37 12.34
C VAL A 246 4.19 6.68 11.97
N LEU A 247 3.61 7.36 10.99
CA LEU A 247 4.24 8.52 10.37
C LEU A 247 3.59 9.82 10.79
N ALA A 248 4.38 10.77 11.28
CA ALA A 248 3.81 12.03 11.71
C ALA A 248 4.37 13.26 11.00
N ASP A 249 3.52 14.28 10.92
CA ASP A 249 3.86 15.63 10.48
C ASP A 249 4.94 16.30 11.28
N ASP A 250 5.31 17.50 10.87
CA ASP A 250 6.01 18.41 11.77
C ASP A 250 4.91 19.06 12.60
N GLU A 251 3.68 18.83 12.16
CA GLU A 251 2.52 19.57 12.60
C GLU A 251 1.66 18.69 13.49
N GLY A 252 2.09 17.45 13.70
CA GLY A 252 1.38 16.55 14.59
C GLY A 252 0.31 15.69 13.94
N ARG A 253 0.07 15.86 12.65
CA ARG A 253 -0.91 15.01 11.95
C ARG A 253 -0.32 13.61 11.69
N VAL A 254 -1.17 12.57 11.71
CA VAL A 254 -0.67 11.19 11.54
C VAL A 254 -1.30 10.50 10.35
N LEU A 255 -0.47 9.78 9.58
CA LEU A 255 -0.98 9.07 8.41
C LEU A 255 -1.58 7.71 8.81
N ILE A 256 -2.89 7.63 8.57
CA ILE A 256 -3.69 6.45 8.85
C ILE A 256 -4.45 6.14 7.57
N ARG A 257 -5.14 5.00 7.52
CA ARG A 257 -5.89 4.64 6.32
C ARG A 257 -7.05 3.72 6.65
N LYS A 258 -8.04 3.66 5.77
CA LYS A 258 -9.26 2.92 5.99
C LYS A 258 -9.32 1.60 5.22
N ARG A 259 -9.46 0.51 5.95
CA ARG A 259 -9.47 -0.83 5.36
C ARG A 259 -10.70 -1.04 4.48
N ASP A 260 -10.59 -1.95 3.52
CA ASP A 260 -11.64 -2.14 2.52
C ASP A 260 -12.98 -2.59 3.10
N SER A 261 -14.04 -2.36 2.32
CA SER A 261 -15.40 -2.68 2.72
C SER A 261 -15.57 -4.13 3.11
N THR A 262 -14.70 -5.01 2.63
CA THR A 262 -14.83 -6.42 2.96
C THR A 262 -13.52 -7.06 3.40
N GLY A 263 -13.61 -8.32 3.79
CA GLY A 263 -12.43 -9.06 4.20
C GLY A 263 -12.11 -8.81 5.66
N LEU A 264 -10.88 -9.11 6.01
CA LEU A 264 -10.42 -8.91 7.37
C LEU A 264 -10.54 -7.45 7.87
N LEU A 265 -11.11 -7.29 9.07
CA LEU A 265 -11.28 -5.98 9.74
C LEU A 265 -11.89 -4.91 8.84
N ALA A 266 -13.00 -5.26 8.21
CA ALA A 266 -13.60 -4.38 7.22
C ALA A 266 -14.02 -3.06 7.83
N ASN A 267 -13.57 -1.97 7.19
CA ASN A 267 -13.96 -0.61 7.47
C ASN A 267 -13.33 -0.02 8.72
N LEU A 268 -12.39 -0.75 9.30
CA LEU A 268 -11.68 -0.20 10.42
C LEU A 268 -10.53 0.59 9.84
N TRP A 269 -10.02 1.54 10.62
CA TRP A 269 -8.85 2.33 10.23
C TRP A 269 -7.56 1.69 10.76
N GLU A 270 -6.43 2.01 10.15
CA GLU A 270 -5.17 1.43 10.61
C GLU A 270 -4.02 2.33 10.26
N PHE A 271 -2.91 2.15 10.95
CA PHE A 271 -1.70 2.72 10.46
C PHE A 271 -1.23 1.89 9.27
N PRO A 272 -0.66 2.55 8.25
CA PRO A 272 -0.29 1.82 7.02
C PRO A 272 0.64 0.63 7.29
N SER A 273 0.37 -0.49 6.65
CA SER A 273 1.17 -1.67 6.90
C SER A 273 1.36 -2.49 5.64
N CYS A 274 2.34 -3.37 5.68
CA CYS A 274 2.45 -4.37 4.62
C CYS A 274 3.16 -5.59 5.15
N GLU A 275 2.98 -6.71 4.46
CA GLU A 275 3.51 -7.99 4.92
C GLU A 275 4.95 -8.14 4.48
N THR A 276 5.86 -8.24 5.43
CA THR A 276 7.27 -8.32 5.10
C THR A 276 7.72 -9.72 4.73
N ASP A 277 6.82 -10.69 4.91
CA ASP A 277 7.07 -12.09 4.55
C ASP A 277 8.26 -12.66 5.32
N GLY A 278 9.43 -12.06 5.13
CA GLY A 278 10.59 -12.36 5.95
C GLY A 278 10.63 -11.42 7.13
N ALA A 279 11.62 -10.53 7.13
CA ALA A 279 11.71 -9.47 8.13
C ALA A 279 12.72 -8.44 7.63
N ASP A 280 12.80 -8.36 6.30
CA ASP A 280 13.56 -7.34 5.59
C ASP A 280 13.40 -5.97 6.25
N GLY A 281 12.19 -5.42 6.19
CA GLY A 281 11.82 -4.35 7.09
C GLY A 281 11.10 -3.12 6.58
N LYS A 282 11.65 -1.96 6.96
CA LYS A 282 11.04 -0.69 6.65
C LYS A 282 11.15 -0.38 5.18
N GLU A 283 12.04 -1.09 4.51
CA GLU A 283 12.28 -0.91 3.09
C GLU A 283 10.97 -0.92 2.28
N LYS A 284 10.16 -1.96 2.44
CA LYS A 284 8.86 -2.11 1.75
C LYS A 284 7.91 -1.02 2.21
N LEU A 285 8.04 -0.73 3.50
CA LEU A 285 7.27 0.31 4.17
C LEU A 285 7.59 1.67 3.53
N GLU A 286 8.89 2.00 3.47
CA GLU A 286 9.35 3.23 2.83
C GLU A 286 8.83 3.26 1.39
N GLN A 287 8.78 2.10 0.75
CA GLN A 287 8.36 2.02 -0.65
C GLN A 287 6.87 2.29 -0.88
N MET A 288 6.10 2.63 0.16
CA MET A 288 4.67 2.34 0.09
C MET A 288 3.57 3.39 -0.27
N VAL A 289 3.39 4.57 0.36
CA VAL A 289 4.34 5.49 0.99
C VAL A 289 5.46 5.72 -0.02
N GLY A 290 5.39 6.85 -0.71
CA GLY A 290 6.29 7.04 -1.83
C GLY A 290 5.54 6.64 -3.07
N GLU A 291 5.41 5.33 -3.27
CA GLU A 291 4.60 4.80 -4.35
C GLU A 291 3.18 5.34 -4.26
N GLN A 292 2.82 5.86 -3.11
CA GLN A 292 1.49 6.43 -2.93
C GLN A 292 1.54 7.89 -2.50
N TYR A 293 0.86 8.72 -3.30
CA TYR A 293 0.57 10.12 -2.98
C TYR A 293 1.80 11.02 -2.79
N GLY A 294 2.85 10.79 -3.58
CA GLY A 294 4.09 11.52 -3.35
C GLY A 294 4.69 10.93 -2.11
N LEU A 295 4.78 11.73 -1.05
CA LEU A 295 5.05 11.21 0.31
C LEU A 295 6.46 10.69 0.52
N GLN A 296 7.33 11.53 1.06
CA GLN A 296 8.65 11.07 1.35
C GLN A 296 8.83 11.10 2.84
N VAL A 297 9.25 9.99 3.40
CA VAL A 297 9.34 9.86 4.84
C VAL A 297 10.73 9.41 5.21
N GLU A 298 11.03 9.48 6.50
CA GLU A 298 12.26 8.91 7.00
C GLU A 298 11.96 7.98 8.16
N LEU A 299 11.80 6.69 7.85
CA LEU A 299 11.56 5.67 8.86
C LEU A 299 12.80 5.41 9.70
N THR A 300 12.59 5.15 10.99
CA THR A 300 13.69 5.18 11.95
C THR A 300 13.73 4.00 12.91
N GLU A 301 13.98 2.80 12.39
CA GLU A 301 14.29 1.63 13.24
C GLU A 301 13.17 1.26 14.17
N PRO A 302 12.72 0.01 14.08
CA PRO A 302 11.56 -0.48 14.80
C PRO A 302 11.64 -0.28 16.32
N ILE A 303 10.54 0.14 16.92
CA ILE A 303 10.49 0.38 18.35
C ILE A 303 9.91 -0.79 19.15
N VAL A 304 9.29 -1.74 18.46
CA VAL A 304 8.69 -2.91 19.12
C VAL A 304 8.16 -3.92 18.12
N SER A 305 8.32 -5.20 18.44
CA SER A 305 7.66 -6.29 17.75
C SER A 305 6.73 -6.98 18.74
N PHE A 306 5.51 -7.31 18.29
CA PHE A 306 4.61 -8.07 19.13
C PHE A 306 3.63 -8.86 18.29
N GLU A 307 3.09 -9.94 18.84
CA GLU A 307 2.15 -10.76 18.10
C GLU A 307 0.73 -10.36 18.47
N HIS A 308 -0.19 -10.60 17.54
CA HIS A 308 -1.61 -10.31 17.76
C HIS A 308 -2.48 -11.34 17.08
N ALA A 309 -3.32 -11.97 17.88
CA ALA A 309 -4.02 -13.17 17.42
C ALA A 309 -5.39 -12.89 16.85
N PHE A 310 -5.69 -13.60 15.78
CA PHE A 310 -7.03 -13.65 15.24
C PHE A 310 -7.44 -15.09 15.42
N SER A 311 -8.69 -15.42 15.17
CA SER A 311 -9.13 -16.80 15.31
C SER A 311 -8.40 -17.66 14.31
N HIS A 312 -8.06 -17.08 13.16
CA HIS A 312 -7.56 -17.87 12.03
C HIS A 312 -6.15 -17.48 11.51
N LEU A 313 -5.39 -16.72 12.30
CA LEU A 313 -4.06 -16.26 11.92
C LEU A 313 -3.48 -15.37 13.00
N VAL A 314 -2.18 -15.18 12.96
CA VAL A 314 -1.53 -14.30 13.92
C VAL A 314 -0.75 -13.26 13.19
N TRP A 315 -0.94 -12.00 13.53
CA TRP A 315 -0.11 -10.95 12.99
C TRP A 315 1.15 -10.84 13.81
N GLN A 316 2.28 -10.86 13.14
CA GLN A 316 3.53 -10.53 13.80
C GLN A 316 3.86 -9.12 13.37
N LEU A 317 3.58 -8.19 14.27
CA LEU A 317 3.69 -6.78 13.97
C LEU A 317 5.03 -6.22 14.37
N THR A 318 5.63 -5.42 13.49
CA THR A 318 6.79 -4.63 13.88
C THR A 318 6.54 -3.16 13.53
N VAL A 319 6.70 -2.27 14.51
CA VAL A 319 6.22 -0.92 14.27
C VAL A 319 7.37 0.07 14.16
N PHE A 320 7.35 0.76 13.00
CA PHE A 320 8.36 1.72 12.61
C PHE A 320 7.83 3.14 12.73
N PRO A 321 8.36 3.90 13.67
CA PRO A 321 8.07 5.34 13.73
C PRO A 321 8.72 6.08 12.57
N GLY A 322 8.14 7.19 12.13
CA GLY A 322 8.67 7.91 10.99
C GLY A 322 8.17 9.34 10.92
N ARG A 323 8.86 10.14 10.12
CA ARG A 323 8.50 11.54 9.95
C ARG A 323 8.02 11.79 8.51
N LEU A 324 7.11 12.74 8.37
CA LEU A 324 6.56 13.07 7.06
C LEU A 324 7.20 14.35 6.47
N VAL A 325 7.55 14.34 5.16
CA VAL A 325 7.60 15.57 4.32
C VAL A 325 6.89 15.38 2.95
N HIS A 326 6.23 16.44 2.47
CA HIS A 326 4.84 16.31 2.00
C HIS A 326 4.52 15.39 0.83
N GLY A 327 3.26 15.47 0.39
CA GLY A 327 2.71 14.45 -0.45
C GLY A 327 1.57 14.92 -1.30
N GLY A 328 1.76 16.07 -1.95
CA GLY A 328 0.88 16.59 -2.98
C GLY A 328 -0.60 16.38 -2.75
N PRO A 329 -1.09 15.17 -3.02
CA PRO A 329 -2.42 14.77 -2.56
C PRO A 329 -2.39 13.47 -1.75
N VAL A 330 -2.69 13.51 -0.44
CA VAL A 330 -3.03 12.25 0.22
C VAL A 330 -4.53 12.05 0.12
N GLU A 331 -4.92 11.01 -0.61
CA GLU A 331 -6.30 10.86 -0.96
C GLU A 331 -6.77 9.44 -0.70
N GLU A 332 -7.63 8.96 -1.60
CA GLU A 332 -7.94 7.55 -1.69
C GLU A 332 -8.48 7.16 -0.32
N PRO A 333 -8.11 5.98 0.25
CA PRO A 333 -8.54 5.85 1.65
C PRO A 333 -7.53 6.31 2.70
N TYR A 334 -6.50 7.05 2.33
CA TYR A 334 -5.54 7.51 3.34
C TYR A 334 -5.97 8.86 3.90
N ARG A 335 -5.32 9.28 4.98
CA ARG A 335 -5.73 10.50 5.66
C ARG A 335 -4.61 11.04 6.53
N LEU A 336 -4.52 12.35 6.63
CA LEU A 336 -3.65 12.95 7.61
C LEU A 336 -4.56 13.33 8.75
N ALA A 337 -4.45 12.61 9.85
CA ALA A 337 -5.34 12.85 10.97
C ALA A 337 -4.60 13.54 12.09
N PRO A 338 -5.07 14.71 12.47
CA PRO A 338 -4.53 15.40 13.65
C PRO A 338 -4.51 14.44 14.82
N GLU A 339 -3.47 14.48 15.63
CA GLU A 339 -3.32 13.53 16.72
C GLU A 339 -4.58 13.42 17.60
N ASP A 340 -5.17 14.55 17.95
CA ASP A 340 -6.31 14.60 18.85
C ASP A 340 -7.57 13.99 18.25
N GLU A 341 -7.60 13.89 16.92
CA GLU A 341 -8.74 13.27 16.22
C GLU A 341 -8.63 11.74 16.10
N LEU A 342 -7.56 11.14 16.61
CA LEU A 342 -7.39 9.72 16.36
C LEU A 342 -8.47 8.95 17.10
N LYS A 343 -8.86 9.47 18.26
CA LYS A 343 -9.89 8.89 19.11
C LYS A 343 -11.26 8.77 18.42
N ALA A 344 -11.51 9.59 17.42
CA ALA A 344 -12.80 9.56 16.74
C ALA A 344 -12.94 8.35 15.83
N TYR A 345 -11.81 7.80 15.40
CA TYR A 345 -11.86 6.71 14.44
C TYR A 345 -11.87 5.37 15.16
N ALA A 346 -12.45 4.37 14.50
CA ALA A 346 -12.45 3.01 14.98
C ALA A 346 -11.21 2.28 14.47
N PHE A 347 -10.38 1.81 15.40
CA PHE A 347 -9.19 1.01 15.08
C PHE A 347 -9.33 -0.40 15.59
N PRO A 348 -8.78 -1.39 14.86
CA PRO A 348 -8.70 -2.69 15.50
C PRO A 348 -7.71 -2.65 16.66
N VAL A 349 -7.85 -3.59 17.60
CA VAL A 349 -7.11 -3.60 18.86
C VAL A 349 -5.61 -3.63 18.61
N SER A 350 -5.20 -4.44 17.63
CA SER A 350 -3.82 -4.48 17.16
C SER A 350 -3.24 -3.08 16.98
N HIS A 351 -3.93 -2.25 16.22
CA HIS A 351 -3.39 -0.93 15.90
C HIS A 351 -3.58 0.07 17.06
N GLN A 352 -4.57 -0.14 17.92
CA GLN A 352 -4.60 0.63 19.17
C GLN A 352 -3.35 0.40 19.99
N ARG A 353 -2.86 -0.85 19.98
CA ARG A 353 -1.63 -1.13 20.71
C ARG A 353 -0.43 -0.54 19.96
N VAL A 354 -0.42 -0.67 18.64
CA VAL A 354 0.60 0.01 17.85
C VAL A 354 0.71 1.45 18.28
N TRP A 355 -0.41 2.15 18.29
CA TRP A 355 -0.40 3.54 18.70
C TRP A 355 0.10 3.72 20.14
N ARG A 356 -0.35 2.84 21.03
CA ARG A 356 0.06 2.91 22.43
C ARG A 356 1.58 2.77 22.53
N GLU A 357 2.13 1.72 21.94
CA GLU A 357 3.57 1.48 21.92
C GLU A 357 4.29 2.70 21.37
N TYR A 358 3.69 3.32 20.34
CA TYR A 358 4.32 4.46 19.70
C TYR A 358 4.33 5.66 20.62
N LYS A 359 3.16 5.97 21.19
CA LYS A 359 3.00 7.25 21.87
C LYS A 359 3.93 7.25 23.07
N GLU A 360 4.18 6.04 23.57
CA GLU A 360 5.06 5.82 24.69
C GLU A 360 6.49 6.18 24.32
N TRP A 361 7.01 5.47 23.32
CA TRP A 361 8.34 5.72 22.75
C TRP A 361 8.73 7.19 22.59
N ALA A 362 7.75 8.07 22.45
CA ALA A 362 8.00 9.49 22.29
C ALA A 362 7.27 10.36 23.35
N SER A 363 7.50 10.06 24.62
CA SER A 363 6.86 10.78 25.73
C SER A 363 7.08 12.29 25.68
N GLU B 9 12.94 46.14 -11.84
CA GLU B 9 13.46 46.11 -13.20
C GLU B 9 13.02 47.33 -14.01
N ARG B 10 14.00 48.12 -14.43
CA ARG B 10 13.84 49.06 -15.53
C ARG B 10 14.53 48.39 -16.72
N PHE B 11 14.53 47.06 -16.69
CA PHE B 11 15.16 46.24 -17.70
C PHE B 11 14.39 46.32 -19.02
N PRO B 12 15.09 46.58 -20.12
CA PRO B 12 14.48 46.80 -21.43
C PRO B 12 14.13 45.47 -22.06
N ALA B 13 13.11 44.83 -21.52
CA ALA B 13 12.71 43.49 -21.94
C ALA B 13 12.51 43.40 -23.45
N ARG B 14 11.77 44.38 -23.97
CA ARG B 14 11.44 44.42 -25.38
C ARG B 14 12.70 44.28 -26.22
N GLU B 15 13.74 45.04 -25.94
CA GLU B 15 14.90 44.99 -26.84
C GLU B 15 15.71 43.75 -26.57
N PHE B 16 15.68 43.28 -25.32
CA PHE B 16 16.35 42.05 -24.98
C PHE B 16 15.79 40.90 -25.84
N GLN B 17 14.47 40.76 -25.81
CA GLN B 17 13.74 39.78 -26.62
C GLN B 17 14.14 39.83 -28.09
N ARG B 18 14.20 41.05 -28.65
CA ARG B 18 14.50 41.24 -30.06
C ARG B 18 15.90 40.74 -30.37
N ASP B 19 16.85 41.12 -29.53
CA ASP B 19 18.21 40.67 -29.77
C ASP B 19 18.33 39.15 -29.65
N LEU B 20 17.69 38.57 -28.64
CA LEU B 20 17.72 37.13 -28.43
C LEU B 20 17.01 36.36 -29.55
N LEU B 21 15.81 36.80 -29.88
CA LEU B 21 15.05 36.06 -30.88
C LEU B 21 15.67 36.22 -32.28
N ASP B 22 16.24 37.39 -32.58
CA ASP B 22 16.91 37.55 -33.84
C ASP B 22 18.04 36.54 -33.90
N TRP B 23 18.84 36.45 -32.84
CA TRP B 23 19.93 35.50 -32.82
C TRP B 23 19.44 34.06 -33.02
N PHE B 24 18.36 33.72 -32.33
CA PHE B 24 17.90 32.36 -32.34
C PHE B 24 17.24 31.97 -33.65
N ALA B 25 16.63 32.93 -34.34
CA ALA B 25 15.81 32.68 -35.51
C ALA B 25 16.64 31.99 -36.59
N ARG B 26 17.90 32.46 -36.69
CA ARG B 26 18.96 31.85 -37.52
C ARG B 26 19.70 30.75 -36.77
N GLU B 27 20.73 31.17 -35.99
CA GLU B 27 21.74 30.31 -35.32
C GLU B 27 21.26 28.99 -34.74
N ARG B 28 19.94 28.90 -34.56
CA ARG B 28 19.21 27.65 -34.34
C ARG B 28 19.75 26.52 -35.22
N ARG B 29 20.10 25.38 -34.59
CA ARG B 29 20.75 24.24 -35.27
C ARG B 29 19.72 23.18 -35.69
N ASP B 30 20.14 22.16 -36.46
CA ASP B 30 19.20 21.17 -37.01
C ASP B 30 18.94 19.99 -36.07
N LEU B 31 17.72 19.90 -35.55
CA LEU B 31 17.38 18.88 -34.58
C LEU B 31 16.06 18.19 -34.97
N PRO B 32 16.05 16.86 -34.98
CA PRO B 32 14.89 16.13 -35.50
C PRO B 32 13.56 16.52 -34.88
N TRP B 33 13.57 16.85 -33.59
CA TRP B 33 12.33 17.17 -32.90
C TRP B 33 11.85 18.61 -33.18
N ARG B 34 12.58 19.35 -33.98
CA ARG B 34 12.13 20.68 -34.37
C ARG B 34 11.43 20.63 -35.71
N LYS B 35 11.36 19.46 -36.30
CA LYS B 35 10.97 19.43 -37.70
C LYS B 35 9.45 19.53 -37.77
N ASP B 36 8.80 19.37 -36.62
CA ASP B 36 7.48 19.94 -36.41
C ASP B 36 7.24 20.29 -34.95
N ARG B 37 5.98 20.47 -34.57
CA ARG B 37 5.66 20.83 -33.20
C ARG B 37 4.52 19.95 -32.69
N ASP B 38 4.44 18.73 -33.22
CA ASP B 38 3.51 17.76 -32.69
C ASP B 38 3.80 17.59 -31.21
N PRO B 39 2.80 17.88 -30.36
CA PRO B 39 2.91 17.77 -28.91
C PRO B 39 3.56 16.46 -28.48
N TYR B 40 3.18 15.35 -29.10
CA TYR B 40 3.75 14.05 -28.73
C TYR B 40 5.25 14.01 -29.01
N LYS B 41 5.62 14.32 -30.25
CA LYS B 41 7.03 14.39 -30.63
C LYS B 41 7.79 15.31 -29.68
N VAL B 42 7.21 16.48 -29.40
CA VAL B 42 7.91 17.46 -28.58
C VAL B 42 8.16 16.94 -27.18
N TRP B 43 7.07 16.52 -26.54
CA TRP B 43 7.09 15.86 -25.23
C TRP B 43 8.15 14.75 -25.14
N VAL B 44 8.26 13.92 -26.17
CA VAL B 44 9.23 12.82 -26.14
C VAL B 44 10.62 13.43 -26.07
N SER B 45 10.89 14.40 -26.95
CA SER B 45 12.22 14.99 -27.03
C SER B 45 12.62 15.62 -25.69
N GLU B 46 11.68 16.33 -25.07
CA GLU B 46 11.97 16.94 -23.77
C GLU B 46 12.14 15.90 -22.66
N VAL B 47 11.49 14.74 -22.77
CA VAL B 47 11.79 13.74 -21.75
C VAL B 47 13.20 13.17 -22.01
N MET B 48 13.55 12.94 -23.27
CA MET B 48 14.86 12.36 -23.55
C MET B 48 15.98 13.33 -23.12
N LEU B 49 15.77 14.61 -23.35
CA LEU B 49 16.76 15.61 -23.05
C LEU B 49 16.97 15.89 -21.55
N GLN B 50 16.13 15.33 -20.67
CA GLN B 50 16.30 15.59 -19.23
C GLN B 50 17.61 15.01 -18.73
N GLN B 51 18.52 15.87 -18.27
CA GLN B 51 19.84 15.41 -17.79
C GLN B 51 20.60 14.58 -18.81
N THR B 52 20.46 14.93 -20.08
CA THR B 52 21.05 14.18 -21.18
C THR B 52 21.35 15.15 -22.31
N ARG B 53 22.55 15.10 -22.86
CA ARG B 53 23.02 16.14 -23.77
C ARG B 53 22.42 15.97 -25.17
N VAL B 54 22.03 17.09 -25.78
CA VAL B 54 21.39 17.08 -27.11
C VAL B 54 22.00 16.11 -28.11
N GLU B 55 23.31 16.09 -28.20
CA GLU B 55 23.94 15.26 -29.20
C GLU B 55 23.77 13.77 -28.85
N THR B 56 23.76 13.44 -27.56
CA THR B 56 23.44 12.09 -27.12
C THR B 56 22.06 11.63 -27.60
N VAL B 57 21.11 12.55 -27.51
CA VAL B 57 19.70 12.25 -27.70
C VAL B 57 19.29 12.07 -29.18
N ILE B 58 19.91 12.83 -30.08
CA ILE B 58 19.43 12.84 -31.46
C ILE B 58 19.18 11.45 -32.10
N PRO B 59 20.12 10.50 -31.97
CA PRO B 59 19.82 9.21 -32.59
C PRO B 59 18.76 8.40 -31.84
N TYR B 60 18.71 8.53 -30.53
CA TYR B 60 17.63 7.92 -29.76
C TYR B 60 16.28 8.44 -30.20
N PHE B 61 16.19 9.76 -30.35
CA PHE B 61 14.91 10.33 -30.71
C PHE B 61 14.46 9.78 -32.06
N GLU B 62 15.33 9.83 -33.04
CA GLU B 62 14.98 9.34 -34.37
C GLU B 62 14.51 7.89 -34.37
N GLN B 63 15.24 7.04 -33.67
CA GLN B 63 14.83 5.63 -33.58
C GLN B 63 13.55 5.43 -32.79
N PHE B 64 13.43 6.12 -31.66
CA PHE B 64 12.28 5.95 -30.80
C PHE B 64 11.00 6.38 -31.51
N ILE B 65 11.04 7.51 -32.23
CA ILE B 65 9.86 8.00 -32.95
C ILE B 65 9.55 7.06 -34.12
N ASP B 66 10.60 6.52 -34.71
CA ASP B 66 10.48 5.47 -35.72
C ASP B 66 9.67 4.29 -35.19
N ARG B 67 10.02 3.81 -34.02
CA ARG B 67 9.31 2.67 -33.45
C ARG B 67 7.94 3.12 -32.93
N PHE B 68 7.83 4.38 -32.51
CA PHE B 68 6.59 4.85 -31.88
C PHE B 68 6.18 6.23 -32.35
N PRO B 69 5.59 6.32 -33.56
CA PRO B 69 5.37 7.60 -34.25
C PRO B 69 4.20 8.42 -33.71
N THR B 70 3.40 7.80 -32.85
CA THR B 70 2.25 8.47 -32.28
C THR B 70 2.14 8.16 -30.80
N LEU B 71 1.50 9.05 -30.06
CA LEU B 71 1.24 8.79 -28.66
C LEU B 71 0.50 7.48 -28.58
N GLU B 72 -0.44 7.34 -29.51
CA GLU B 72 -1.26 6.14 -29.60
C GLU B 72 -0.38 4.89 -29.62
N ALA B 73 0.65 4.88 -30.48
CA ALA B 73 1.48 3.68 -30.66
C ALA B 73 2.32 3.37 -29.44
N LEU B 74 2.78 4.40 -28.74
CA LEU B 74 3.57 4.23 -27.53
C LEU B 74 2.76 3.68 -26.37
N ALA B 75 1.53 4.17 -26.23
CA ALA B 75 0.60 3.67 -25.21
C ALA B 75 0.35 2.16 -25.40
N ASP B 76 0.19 1.73 -26.65
CA ASP B 76 -0.09 0.33 -26.97
C ASP B 76 1.13 -0.59 -26.90
N ALA B 77 2.35 -0.05 -26.91
CA ALA B 77 3.54 -0.91 -26.79
C ALA B 77 3.73 -1.50 -25.37
N ASP B 78 4.49 -2.60 -25.27
CA ASP B 78 4.76 -3.25 -23.98
C ASP B 78 5.85 -2.55 -23.21
N GLU B 79 5.71 -2.53 -21.89
CA GLU B 79 6.72 -1.98 -21.00
C GLU B 79 8.15 -2.32 -21.43
N ASP B 80 8.38 -3.58 -21.78
CA ASP B 80 9.73 -4.08 -22.04
C ASP B 80 10.28 -3.63 -23.40
N GLU B 81 9.37 -3.34 -24.33
CA GLU B 81 9.78 -2.87 -25.66
C GLU B 81 10.23 -1.41 -25.64
N VAL B 82 9.47 -0.63 -24.87
CA VAL B 82 9.74 0.77 -24.60
C VAL B 82 11.11 0.92 -23.95
N LEU B 83 11.32 0.16 -22.88
CA LEU B 83 12.60 0.10 -22.17
C LEU B 83 13.77 -0.23 -23.07
N LYS B 84 13.58 -1.20 -23.95
CA LYS B 84 14.63 -1.54 -24.88
C LYS B 84 14.92 -0.39 -25.85
N ALA B 85 13.92 0.42 -26.17
CA ALA B 85 14.15 1.59 -27.03
C ALA B 85 14.99 2.65 -26.31
N TRP B 86 14.99 2.59 -25.00
CA TRP B 86 15.61 3.57 -24.13
C TRP B 86 16.98 3.12 -23.59
N GLU B 87 17.35 1.88 -23.92
CA GLU B 87 18.55 1.24 -23.42
C GLU B 87 19.76 2.13 -23.65
N GLY B 88 20.46 2.47 -22.57
CA GLY B 88 21.68 3.22 -22.72
C GLY B 88 21.54 4.68 -22.37
N LEU B 89 20.32 5.22 -22.45
CA LEU B 89 20.07 6.64 -22.21
C LEU B 89 20.22 7.04 -20.76
N GLY B 90 19.97 6.07 -19.87
CA GLY B 90 20.01 6.28 -18.43
C GLY B 90 18.72 6.84 -17.88
N TYR B 91 18.66 6.94 -16.56
CA TYR B 91 17.49 7.43 -15.84
C TYR B 91 16.22 6.81 -16.42
N TYR B 92 16.07 5.50 -16.24
CA TYR B 92 15.12 4.71 -17.02
C TYR B 92 13.70 4.96 -16.52
N SER B 93 13.61 5.45 -15.30
CA SER B 93 12.34 5.83 -14.72
C SER B 93 11.61 6.88 -15.59
N ARG B 94 12.34 7.57 -16.47
CA ARG B 94 11.73 8.56 -17.39
C ARG B 94 10.79 7.89 -18.37
N VAL B 95 11.25 6.77 -18.88
CA VAL B 95 10.52 6.14 -19.94
C VAL B 95 9.35 5.39 -19.35
N ARG B 96 9.49 4.97 -18.09
CA ARG B 96 8.37 4.34 -17.40
C ARG B 96 7.27 5.38 -17.25
N ASN B 97 7.60 6.52 -16.67
CA ASN B 97 6.64 7.62 -16.52
C ASN B 97 5.98 8.02 -17.85
N LEU B 98 6.78 8.20 -18.90
CA LEU B 98 6.25 8.69 -20.15
C LEU B 98 5.23 7.70 -20.71
N HIS B 99 5.49 6.41 -20.51
CA HIS B 99 4.58 5.33 -20.92
C HIS B 99 3.23 5.43 -20.23
N ALA B 100 3.31 5.47 -18.90
CA ALA B 100 2.17 5.75 -18.05
C ALA B 100 1.43 6.99 -18.55
N ALA B 101 2.11 8.14 -18.53
CA ALA B 101 1.49 9.42 -18.85
C ALA B 101 0.75 9.36 -20.17
N VAL B 102 1.38 8.71 -21.14
CA VAL B 102 0.79 8.60 -22.46
C VAL B 102 -0.45 7.68 -22.45
N LYS B 103 -0.38 6.63 -21.65
CA LYS B 103 -1.53 5.78 -21.41
C LYS B 103 -2.68 6.65 -20.92
N GLU B 104 -2.41 7.50 -19.92
CA GLU B 104 -3.46 8.35 -19.37
C GLU B 104 -4.00 9.34 -20.38
N VAL B 105 -3.12 9.82 -21.24
CA VAL B 105 -3.58 10.78 -22.21
C VAL B 105 -4.50 10.09 -23.19
N LYS B 106 -4.24 8.83 -23.50
CA LYS B 106 -5.13 8.12 -24.42
C LYS B 106 -6.51 7.97 -23.76
N THR B 107 -6.51 7.56 -22.50
CA THR B 107 -7.75 7.18 -21.86
C THR B 107 -8.49 8.36 -21.23
N ARG B 108 -7.79 9.32 -20.62
CA ARG B 108 -8.48 10.45 -19.97
C ARG B 108 -8.61 11.72 -20.83
N TYR B 109 -7.80 11.86 -21.88
CA TYR B 109 -7.81 13.10 -22.67
C TYR B 109 -7.91 12.80 -24.16
N GLY B 110 -8.47 11.65 -24.51
CA GLY B 110 -8.72 11.32 -25.90
C GLY B 110 -7.52 11.36 -26.82
N GLY B 111 -6.34 11.13 -26.24
CA GLY B 111 -5.12 11.02 -27.01
C GLY B 111 -4.44 12.35 -27.32
N LYS B 112 -5.13 13.47 -27.10
CA LYS B 112 -4.55 14.79 -27.35
C LYS B 112 -3.87 15.32 -26.07
N VAL B 113 -2.59 15.66 -26.17
CA VAL B 113 -1.83 16.12 -25.01
C VAL B 113 -2.40 17.44 -24.46
N PRO B 114 -2.83 17.44 -23.19
CA PRO B 114 -3.47 18.61 -22.57
C PRO B 114 -2.68 19.89 -22.83
N ASP B 115 -3.33 20.95 -23.29
CA ASP B 115 -2.68 22.24 -23.42
C ASP B 115 -2.80 23.05 -22.13
N ASP B 116 -3.45 22.46 -21.14
CA ASP B 116 -3.61 23.14 -19.89
C ASP B 116 -2.52 22.75 -18.92
N PRO B 117 -1.77 23.75 -18.43
CA PRO B 117 -0.64 23.54 -17.52
C PRO B 117 -0.95 22.62 -16.36
N ASP B 118 -2.10 22.77 -15.72
CA ASP B 118 -2.35 21.99 -14.52
C ASP B 118 -2.71 20.55 -14.87
N GLU B 119 -3.49 20.34 -15.92
CA GLU B 119 -3.71 18.99 -16.46
C GLU B 119 -2.38 18.34 -16.87
N PHE B 120 -1.59 19.04 -17.70
CA PHE B 120 -0.32 18.48 -18.15
C PHE B 120 0.62 18.23 -16.95
N SER B 121 0.70 19.20 -16.06
CA SER B 121 1.58 19.11 -14.92
C SER B 121 1.35 17.85 -14.10
N ARG B 122 0.15 17.31 -14.16
CA ARG B 122 -0.16 16.17 -13.29
C ARG B 122 0.23 14.84 -13.91
N LEU B 123 0.48 14.83 -15.21
CA LEU B 123 0.95 13.61 -15.84
C LEU B 123 2.34 13.21 -15.29
N LYS B 124 2.63 11.92 -15.39
CA LYS B 124 3.80 11.33 -14.76
C LYS B 124 5.04 11.66 -15.57
N GLY B 125 6.09 12.10 -14.89
CA GLY B 125 7.32 12.47 -15.56
C GLY B 125 7.37 13.93 -15.98
N VAL B 126 6.22 14.60 -15.93
CA VAL B 126 6.17 16.02 -16.29
C VAL B 126 6.41 16.89 -15.05
N GLY B 127 7.63 17.39 -14.87
CA GLY B 127 7.91 18.41 -13.86
C GLY B 127 7.61 19.80 -14.41
N PRO B 128 7.90 20.84 -13.63
CA PRO B 128 7.57 22.20 -14.10
C PRO B 128 8.38 22.59 -15.33
N TYR B 129 9.61 22.10 -15.45
CA TYR B 129 10.40 22.46 -16.62
C TYR B 129 9.72 21.92 -17.86
N THR B 130 9.37 20.64 -17.81
CA THR B 130 8.71 20.01 -18.94
C THR B 130 7.32 20.59 -19.23
N VAL B 131 6.60 21.07 -18.21
CA VAL B 131 5.35 21.79 -18.47
C VAL B 131 5.57 22.99 -19.38
N GLY B 132 6.52 23.85 -18.99
CA GLY B 132 6.86 25.04 -19.76
C GLY B 132 7.37 24.75 -21.16
N ALA B 133 8.29 23.80 -21.26
CA ALA B 133 8.93 23.45 -22.53
C ALA B 133 7.92 22.98 -23.57
N VAL B 134 7.27 21.86 -23.27
CA VAL B 134 6.27 21.28 -24.15
C VAL B 134 5.12 22.22 -24.48
N LEU B 135 4.48 22.82 -23.46
CA LEU B 135 3.30 23.64 -23.74
C LEU B 135 3.64 24.97 -24.42
N SER B 136 4.84 25.51 -24.20
CA SER B 136 5.19 26.70 -24.95
C SER B 136 5.61 26.34 -26.36
N LEU B 137 6.41 25.29 -26.52
CA LEU B 137 6.87 24.91 -27.85
C LEU B 137 5.72 24.39 -28.65
N ALA B 138 4.92 23.51 -28.06
CA ALA B 138 3.90 22.81 -28.84
C ALA B 138 2.62 23.61 -28.95
N TYR B 139 2.29 24.40 -27.94
CA TYR B 139 1.00 25.10 -27.93
C TYR B 139 1.11 26.62 -27.76
N GLY B 140 2.29 27.16 -27.54
CA GLY B 140 2.38 28.60 -27.35
C GLY B 140 1.79 29.11 -26.04
N VAL B 141 1.55 28.20 -25.10
CA VAL B 141 1.28 28.58 -23.72
C VAL B 141 2.51 29.26 -23.10
N PRO B 142 2.33 30.49 -22.58
CA PRO B 142 3.43 31.29 -22.04
C PRO B 142 3.79 30.91 -20.61
N GLU B 143 4.32 29.71 -20.44
CA GLU B 143 4.82 29.22 -19.17
C GLU B 143 6.33 29.18 -19.24
N PRO B 144 7.00 29.54 -18.14
CA PRO B 144 8.46 29.49 -18.14
C PRO B 144 8.95 28.06 -18.19
N ALA B 145 10.10 27.88 -18.85
CA ALA B 145 10.75 26.57 -18.97
C ALA B 145 12.17 26.69 -18.43
N VAL B 146 12.31 26.59 -17.12
CA VAL B 146 13.59 26.91 -16.49
C VAL B 146 14.36 25.67 -16.06
N ASN B 147 15.51 25.45 -16.67
CA ASN B 147 16.43 24.37 -16.27
C ASN B 147 17.82 24.93 -15.96
N GLY B 148 18.81 24.04 -15.87
CA GLY B 148 20.19 24.46 -15.63
C GLY B 148 20.67 25.54 -16.60
N ASN B 149 20.53 25.27 -17.90
CA ASN B 149 20.96 26.22 -18.91
C ASN B 149 20.38 27.61 -18.70
N VAL B 150 19.07 27.66 -18.48
CA VAL B 150 18.36 28.92 -18.31
C VAL B 150 18.79 29.61 -17.02
N MET B 151 19.04 28.83 -15.99
CA MET B 151 19.42 29.43 -14.73
C MET B 151 20.81 30.03 -14.81
N ARG B 152 21.69 29.37 -15.54
CA ARG B 152 23.03 29.86 -15.74
C ARG B 152 22.96 31.22 -16.45
N VAL B 153 22.23 31.26 -17.56
CA VAL B 153 22.06 32.50 -18.29
C VAL B 153 21.48 33.60 -17.40
N LEU B 154 20.36 33.33 -16.74
CA LEU B 154 19.71 34.38 -15.96
C LEU B 154 20.55 34.81 -14.76
N SER B 155 21.30 33.89 -14.16
CA SER B 155 22.10 34.27 -13.01
C SER B 155 23.22 35.24 -13.44
N ARG B 156 23.77 35.00 -14.61
CA ARG B 156 24.76 35.92 -15.15
C ARG B 156 24.15 37.24 -15.64
N LEU B 157 23.02 37.22 -16.35
CA LEU B 157 22.44 38.48 -16.83
C LEU B 157 22.06 39.40 -15.66
N PHE B 158 21.54 38.81 -14.58
CA PHE B 158 21.01 39.61 -13.49
C PHE B 158 21.78 39.47 -12.20
N LEU B 159 22.92 38.79 -12.25
CA LEU B 159 23.76 38.61 -11.06
C LEU B 159 22.98 38.02 -9.93
N VAL B 160 22.32 36.90 -10.20
CA VAL B 160 21.61 36.18 -9.16
C VAL B 160 22.54 35.18 -8.50
N THR B 161 22.73 35.36 -7.21
CA THR B 161 23.72 34.55 -6.52
C THR B 161 23.08 33.38 -5.77
N ASP B 162 21.77 33.22 -5.93
CA ASP B 162 21.08 32.16 -5.19
C ASP B 162 21.62 30.80 -5.57
N ASP B 163 21.98 30.02 -4.56
CA ASP B 163 22.46 28.68 -4.81
C ASP B 163 21.42 27.93 -5.63
N ILE B 164 21.87 27.52 -6.81
CA ILE B 164 21.04 26.89 -7.80
C ILE B 164 20.58 25.48 -7.39
N ALA B 165 21.17 24.96 -6.33
CA ALA B 165 20.82 23.65 -5.80
C ALA B 165 19.64 23.69 -4.84
N LYS B 166 19.34 24.86 -4.26
CA LYS B 166 18.19 25.04 -3.34
C LYS B 166 16.83 24.94 -4.03
N CYS B 167 15.86 24.36 -3.33
CA CYS B 167 14.52 24.11 -3.87
C CYS B 167 13.89 25.41 -4.36
N SER B 168 13.99 26.44 -3.53
CA SER B 168 13.36 27.73 -3.77
C SER B 168 13.94 28.50 -4.95
N THR B 169 15.09 28.08 -5.44
CA THR B 169 15.83 28.90 -6.36
C THR B 169 15.19 28.93 -7.74
N ARG B 170 14.71 27.78 -8.22
CA ARG B 170 14.12 27.71 -9.56
C ARG B 170 12.97 28.69 -9.67
N LYS B 171 12.20 28.77 -8.60
CA LYS B 171 11.02 29.61 -8.53
C LYS B 171 11.47 31.08 -8.66
N ARG B 172 12.62 31.40 -8.07
CA ARG B 172 13.13 32.76 -8.19
C ARG B 172 13.43 33.11 -9.64
N PHE B 173 13.93 32.11 -10.40
CA PHE B 173 14.25 32.30 -11.82
C PHE B 173 13.02 32.22 -12.70
N GLU B 174 12.05 31.38 -12.32
CA GLU B 174 10.79 31.35 -13.04
C GLU B 174 10.15 32.72 -12.98
N GLN B 175 10.32 33.38 -11.85
CA GLN B 175 9.75 34.71 -11.68
C GLN B 175 10.37 35.68 -12.64
N ILE B 176 11.70 35.62 -12.75
CA ILE B 176 12.41 36.46 -13.69
C ILE B 176 11.86 36.23 -15.09
N VAL B 177 11.68 34.97 -15.46
CA VAL B 177 11.19 34.68 -16.80
C VAL B 177 9.78 35.29 -17.00
N ARG B 178 8.86 35.08 -16.06
CA ARG B 178 7.53 35.71 -16.16
C ARG B 178 7.65 37.21 -16.43
N GLU B 179 8.70 37.81 -15.95
CA GLU B 179 8.80 39.24 -16.07
C GLU B 179 9.33 39.65 -17.43
N ILE B 180 10.39 38.99 -17.88
CA ILE B 180 11.03 39.41 -19.12
C ILE B 180 10.58 38.65 -20.36
N MET B 181 9.72 37.65 -20.18
CA MET B 181 9.24 36.83 -21.30
C MET B 181 8.49 37.61 -22.37
N ALA B 182 8.75 37.22 -23.62
CA ALA B 182 8.02 37.66 -24.79
C ALA B 182 6.70 36.90 -24.94
N TYR B 183 5.63 37.44 -24.35
CA TYR B 183 4.33 36.75 -24.40
C TYR B 183 3.73 36.63 -25.81
N GLU B 184 4.27 37.39 -26.77
CA GLU B 184 3.97 37.19 -28.19
C GLU B 184 4.34 35.80 -28.67
N ASN B 185 5.53 35.34 -28.29
CA ASN B 185 5.99 34.04 -28.72
C ASN B 185 6.80 33.38 -27.64
N PRO B 186 6.10 32.71 -26.72
CA PRO B 186 6.75 32.08 -25.57
C PRO B 186 7.62 30.91 -26.00
N GLY B 187 7.22 30.26 -27.09
CA GLY B 187 7.90 29.06 -27.52
C GLY B 187 9.29 29.42 -27.97
N ALA B 188 9.38 30.46 -28.78
CA ALA B 188 10.68 30.81 -29.35
C ALA B 188 11.55 31.42 -28.26
N PHE B 189 10.91 32.17 -27.38
CA PHE B 189 11.61 32.79 -26.26
C PHE B 189 12.25 31.74 -25.35
N ASN B 190 11.45 30.79 -24.85
CA ASN B 190 11.96 29.77 -23.96
C ASN B 190 13.07 28.96 -24.64
N GLU B 191 12.88 28.57 -25.90
CA GLU B 191 13.85 27.69 -26.52
C GLU B 191 15.14 28.45 -26.80
N ALA B 192 14.99 29.73 -27.12
CA ALA B 192 16.16 30.58 -27.35
C ALA B 192 17.00 30.68 -26.08
N LEU B 193 16.33 30.95 -24.97
CA LEU B 193 17.00 31.04 -23.66
C LEU B 193 17.73 29.73 -23.39
N ILE B 194 17.03 28.63 -23.60
CA ILE B 194 17.62 27.31 -23.42
C ILE B 194 18.84 27.09 -24.32
N GLU B 195 18.73 27.48 -25.59
CA GLU B 195 19.79 27.22 -26.57
C GLU B 195 21.01 28.12 -26.32
N LEU B 196 20.75 29.36 -25.89
CA LEU B 196 21.81 30.28 -25.51
C LEU B 196 22.65 29.68 -24.38
N GLY B 197 22.01 29.15 -23.36
CA GLY B 197 22.72 28.47 -22.28
C GLY B 197 23.39 27.18 -22.74
N ALA B 198 22.78 26.51 -23.71
CA ALA B 198 23.38 25.33 -24.28
C ALA B 198 24.64 25.62 -25.12
N LEU B 199 24.55 26.59 -26.02
CA LEU B 199 25.58 26.79 -27.04
C LEU B 199 26.56 27.90 -26.72
N VAL B 200 26.06 28.99 -26.15
CA VAL B 200 26.83 30.21 -25.96
C VAL B 200 27.26 30.48 -24.50
N CYS B 201 26.29 30.73 -23.65
CA CYS B 201 26.58 31.01 -22.26
C CYS B 201 26.95 29.71 -21.49
N THR B 202 28.06 29.07 -21.86
CA THR B 202 28.41 27.75 -21.32
C THR B 202 28.99 27.77 -19.88
N PRO B 203 29.12 26.60 -19.23
CA PRO B 203 29.59 26.67 -17.83
C PRO B 203 30.98 27.23 -17.70
N ARG B 204 31.93 26.65 -18.41
CA ARG B 204 33.26 27.24 -18.48
C ARG B 204 33.38 28.04 -19.77
N ARG B 205 34.12 29.15 -19.70
CA ARG B 205 34.52 29.92 -20.88
C ARG B 205 33.36 30.27 -21.82
N PRO B 206 32.37 31.03 -21.31
CA PRO B 206 31.26 31.41 -22.16
C PRO B 206 31.72 32.36 -23.28
N SER B 207 30.98 32.36 -24.37
CA SER B 207 31.38 33.03 -25.58
C SER B 207 30.77 34.41 -25.64
N CYS B 208 30.99 35.18 -24.58
CA CYS B 208 30.42 36.53 -24.49
C CYS B 208 30.69 37.39 -25.71
N LEU B 209 31.85 37.22 -26.32
CA LEU B 209 32.21 37.99 -27.51
C LEU B 209 31.14 37.87 -28.60
N LEU B 210 30.58 36.69 -28.73
CA LEU B 210 29.58 36.47 -29.75
C LEU B 210 28.18 36.35 -29.19
N CYS B 211 27.98 36.79 -27.96
CA CYS B 211 26.68 36.60 -27.38
C CYS B 211 25.73 37.75 -27.75
N PRO B 212 24.55 37.40 -28.27
CA PRO B 212 23.58 38.43 -28.67
C PRO B 212 23.06 39.32 -27.53
N VAL B 213 23.27 38.95 -26.28
CA VAL B 213 22.60 39.70 -25.20
C VAL B 213 23.63 40.23 -24.23
N GLN B 214 24.89 40.20 -24.69
CA GLN B 214 26.02 40.75 -23.97
C GLN B 214 25.73 42.11 -23.35
N ALA B 215 25.02 42.95 -24.10
CA ALA B 215 24.74 44.31 -23.68
C ALA B 215 23.88 44.37 -22.43
N TYR B 216 23.15 43.31 -22.15
CA TYR B 216 22.23 43.36 -21.03
C TYR B 216 22.84 42.63 -19.86
N CYS B 217 23.97 41.95 -20.10
CA CYS B 217 24.50 41.02 -19.11
C CYS B 217 25.32 41.66 -17.99
N GLN B 218 24.77 41.66 -16.79
CA GLN B 218 25.53 42.21 -15.66
C GLN B 218 26.83 41.45 -15.37
N ALA B 219 26.83 40.12 -15.43
CA ALA B 219 28.05 39.39 -15.07
C ALA B 219 29.17 39.70 -16.04
N PHE B 220 28.81 39.96 -17.28
CA PHE B 220 29.81 40.30 -18.26
C PHE B 220 30.36 41.68 -17.91
N ALA B 221 29.44 42.58 -17.60
CA ALA B 221 29.82 43.94 -17.29
C ALA B 221 30.79 43.96 -16.11
N GLU B 222 30.48 43.25 -15.02
CA GLU B 222 31.37 43.18 -13.86
C GLU B 222 32.48 42.13 -13.97
N GLY B 223 32.52 41.42 -15.10
CA GLY B 223 33.51 40.38 -15.32
C GLY B 223 33.51 39.28 -14.29
N VAL B 224 32.34 38.80 -13.91
CA VAL B 224 32.25 37.69 -12.97
C VAL B 224 31.40 36.53 -13.48
N ALA B 225 31.19 36.44 -14.79
CA ALA B 225 30.33 35.41 -15.39
C ALA B 225 30.76 34.00 -15.01
N GLU B 226 32.07 33.82 -14.84
CA GLU B 226 32.60 32.50 -14.55
C GLU B 226 32.36 32.12 -13.10
N GLU B 227 31.94 33.09 -12.29
CA GLU B 227 31.59 32.81 -10.90
C GLU B 227 30.12 32.45 -10.69
N LEU B 228 29.32 32.54 -11.74
CA LEU B 228 27.92 32.22 -11.62
C LEU B 228 27.63 31.10 -12.58
N PRO B 229 26.58 30.32 -12.29
CA PRO B 229 25.69 30.43 -11.14
C PRO B 229 26.34 29.77 -9.93
N VAL B 230 25.85 30.02 -8.72
CA VAL B 230 26.46 29.33 -7.60
C VAL B 230 25.72 28.01 -7.29
N LYS B 231 26.49 26.95 -7.10
CA LYS B 231 25.91 25.65 -6.72
C LYS B 231 26.90 24.90 -5.85
N MET B 232 26.40 24.21 -4.83
CA MET B 232 27.27 23.80 -3.74
C MET B 232 28.16 22.62 -4.07
N LYS B 233 27.91 21.98 -5.21
CA LYS B 233 28.88 21.04 -5.81
C LYS B 233 29.14 19.75 -5.02
N LYS B 234 29.23 18.64 -5.76
CA LYS B 234 29.58 17.30 -5.27
C LYS B 234 29.29 16.98 -3.79
N THR B 235 30.22 16.21 -3.21
CA THR B 235 30.31 15.79 -1.81
C THR B 235 31.29 14.63 -1.88
N ALA B 236 30.71 13.46 -2.11
CA ALA B 236 31.39 12.19 -2.23
C ALA B 236 30.30 11.16 -2.46
N VAL B 237 30.62 10.08 -3.15
CA VAL B 237 29.56 9.16 -3.54
C VAL B 237 29.92 7.72 -3.14
N LYS B 238 28.92 7.05 -2.54
CA LYS B 238 29.09 5.72 -1.99
C LYS B 238 29.74 4.75 -2.99
N GLN B 239 30.80 4.09 -2.56
CA GLN B 239 31.39 3.00 -3.33
C GLN B 239 30.70 1.68 -2.96
N VAL B 240 30.34 0.89 -3.96
CA VAL B 240 29.58 -0.33 -3.70
C VAL B 240 30.10 -1.52 -4.48
N PRO B 241 30.80 -2.44 -3.81
CA PRO B 241 31.45 -3.58 -4.46
C PRO B 241 30.41 -4.56 -4.99
N LEU B 242 30.64 -5.05 -6.19
CA LEU B 242 29.69 -5.97 -6.79
C LEU B 242 30.43 -7.16 -7.39
N ALA B 243 29.93 -8.37 -7.10
CA ALA B 243 30.40 -9.58 -7.75
C ALA B 243 29.34 -10.00 -8.75
N VAL B 244 29.77 -10.36 -9.96
CA VAL B 244 28.84 -10.68 -11.04
C VAL B 244 29.14 -12.03 -11.68
N ALA B 245 28.07 -12.79 -11.97
CA ALA B 245 28.20 -14.15 -12.48
C ALA B 245 27.76 -14.32 -13.93
N VAL B 246 28.71 -14.31 -14.84
CA VAL B 246 28.46 -14.66 -16.23
C VAL B 246 28.58 -16.17 -16.40
N LEU B 247 27.46 -16.87 -16.26
CA LEU B 247 27.41 -18.33 -16.24
C LEU B 247 26.83 -18.98 -17.53
N ALA B 248 27.51 -20.03 -18.00
CA ALA B 248 27.18 -20.69 -19.27
C ALA B 248 26.56 -22.10 -19.15
N ASP B 249 25.54 -22.35 -19.97
CA ASP B 249 24.96 -23.68 -20.16
C ASP B 249 25.93 -24.66 -20.75
N ASP B 250 25.51 -25.91 -20.86
CA ASP B 250 26.22 -26.89 -21.68
C ASP B 250 25.78 -26.75 -23.13
N GLU B 251 24.76 -25.93 -23.35
CA GLU B 251 24.26 -25.66 -24.68
C GLU B 251 24.40 -24.18 -25.05
N GLY B 252 25.32 -23.48 -24.39
CA GLY B 252 25.68 -22.13 -24.80
C GLY B 252 24.72 -21.01 -24.43
N ARG B 253 23.79 -21.31 -23.52
CA ARG B 253 22.84 -20.32 -23.01
C ARG B 253 23.39 -19.67 -21.75
N VAL B 254 22.99 -18.42 -21.50
CA VAL B 254 23.54 -17.68 -20.37
C VAL B 254 22.49 -17.33 -19.36
N LEU B 255 22.86 -17.46 -18.10
CA LEU B 255 21.97 -17.16 -17.00
C LEU B 255 21.96 -15.66 -16.79
N ILE B 256 20.75 -15.12 -16.79
CA ILE B 256 20.47 -13.70 -16.56
C ILE B 256 19.24 -13.58 -15.67
N ARG B 257 18.95 -12.37 -15.21
CA ARG B 257 17.76 -12.14 -14.39
C ARG B 257 17.23 -10.74 -14.58
N LYS B 258 15.92 -10.58 -14.43
CA LYS B 258 15.28 -9.27 -14.49
C LYS B 258 15.22 -8.65 -13.10
N ARG B 259 15.38 -7.33 -13.05
CA ARG B 259 15.42 -6.60 -11.79
C ARG B 259 14.04 -6.11 -11.34
N ASP B 260 13.93 -5.77 -10.06
CA ASP B 260 12.68 -5.32 -9.48
C ASP B 260 12.06 -4.18 -10.28
N SER B 261 10.76 -4.01 -10.17
CA SER B 261 10.08 -2.97 -10.92
C SER B 261 10.18 -1.60 -10.25
N THR B 262 10.84 -1.49 -9.12
CA THR B 262 11.10 -0.18 -8.55
C THR B 262 12.53 -0.07 -8.08
N GLY B 263 12.98 1.15 -7.77
CA GLY B 263 14.34 1.39 -7.32
C GLY B 263 15.34 1.26 -8.45
N LEU B 264 16.63 1.25 -8.11
CA LEU B 264 17.74 1.26 -9.08
C LEU B 264 17.57 0.34 -10.30
N LEU B 265 17.76 0.91 -11.50
CA LEU B 265 17.76 0.17 -12.76
C LEU B 265 16.59 -0.78 -12.92
N ALA B 266 15.40 -0.29 -12.59
CA ALA B 266 14.16 -1.06 -12.56
C ALA B 266 13.79 -1.75 -13.90
N ASN B 267 13.40 -3.02 -13.82
CA ASN B 267 13.00 -3.85 -14.98
C ASN B 267 14.04 -4.10 -16.04
N LEU B 268 15.29 -3.77 -15.75
CA LEU B 268 16.36 -4.13 -16.68
C LEU B 268 16.91 -5.49 -16.32
N TRP B 269 17.54 -6.11 -17.31
CA TRP B 269 18.15 -7.41 -17.15
C TRP B 269 19.62 -7.26 -16.78
N GLU B 270 20.15 -8.24 -16.07
CA GLU B 270 21.51 -8.18 -15.63
C GLU B 270 22.02 -9.58 -15.48
N PHE B 271 23.33 -9.76 -15.57
CA PHE B 271 23.93 -11.00 -15.10
C PHE B 271 23.91 -11.04 -13.58
N PRO B 272 23.56 -12.20 -13.00
CA PRO B 272 23.30 -12.28 -11.55
C PRO B 272 24.50 -11.78 -10.71
N SER B 273 24.17 -11.03 -9.67
CA SER B 273 25.17 -10.32 -8.90
C SER B 273 24.73 -10.12 -7.46
N CYS B 274 25.70 -9.82 -6.60
CA CYS B 274 25.39 -9.40 -5.22
C CYS B 274 26.55 -8.58 -4.69
N GLU B 275 26.28 -7.75 -3.68
CA GLU B 275 27.29 -6.86 -3.10
C GLU B 275 28.26 -7.63 -2.22
N THR B 276 29.53 -7.60 -2.58
CA THR B 276 30.57 -8.36 -1.89
C THR B 276 31.00 -7.73 -0.57
N ASP B 277 30.76 -6.44 -0.42
CA ASP B 277 31.25 -5.66 0.71
C ASP B 277 32.77 -5.77 0.80
N GLY B 278 33.25 -6.93 1.28
CA GLY B 278 34.66 -7.21 1.39
C GLY B 278 35.28 -7.59 0.06
N ALA B 279 35.87 -8.77 0.01
CA ALA B 279 36.47 -9.31 -1.21
C ALA B 279 36.51 -10.83 -1.09
N ASP B 280 35.43 -11.35 -0.50
CA ASP B 280 35.15 -12.78 -0.36
C ASP B 280 34.73 -13.37 -1.72
N GLY B 281 33.65 -12.82 -2.27
CA GLY B 281 33.37 -12.90 -3.70
C GLY B 281 32.58 -14.07 -4.25
N LYS B 282 33.29 -15.04 -4.81
CA LYS B 282 32.69 -16.18 -5.47
C LYS B 282 31.79 -16.94 -4.51
N GLU B 283 32.06 -16.78 -3.22
CA GLU B 283 31.30 -17.42 -2.18
C GLU B 283 29.82 -17.01 -2.23
N LYS B 284 29.53 -15.72 -2.08
CA LYS B 284 28.15 -15.22 -2.09
C LYS B 284 27.46 -15.52 -3.41
N LEU B 285 28.28 -15.56 -4.46
CA LEU B 285 27.76 -15.82 -5.81
C LEU B 285 27.27 -17.26 -5.94
N GLU B 286 28.17 -18.23 -5.69
CA GLU B 286 27.80 -19.65 -5.65
C GLU B 286 26.58 -19.89 -4.75
N GLN B 287 26.52 -19.14 -3.65
CA GLN B 287 25.41 -19.21 -2.69
C GLN B 287 24.02 -19.03 -3.31
N MET B 288 23.92 -18.16 -4.32
CA MET B 288 22.65 -17.96 -4.99
C MET B 288 22.27 -19.19 -5.83
N VAL B 289 21.42 -20.06 -5.25
CA VAL B 289 20.94 -21.31 -5.86
C VAL B 289 19.42 -21.47 -5.69
N GLY B 290 18.72 -21.71 -6.79
CA GLY B 290 17.27 -21.75 -6.80
C GLY B 290 16.68 -20.70 -7.73
N GLN B 296 22.34 -24.61 -10.29
CA GLN B 296 23.04 -24.91 -9.04
C GLN B 296 24.51 -25.26 -9.33
N VAL B 297 25.43 -24.35 -9.01
CA VAL B 297 26.83 -24.45 -9.51
C VAL B 297 28.02 -23.82 -8.78
N GLU B 298 28.99 -23.41 -9.61
CA GLU B 298 30.36 -23.09 -9.22
C GLU B 298 31.03 -22.32 -10.37
N LEU B 299 32.27 -21.86 -10.17
CA LEU B 299 32.83 -20.78 -11.01
C LEU B 299 34.21 -20.99 -11.64
N THR B 300 35.02 -19.93 -11.62
CA THR B 300 36.37 -19.85 -12.24
C THR B 300 37.08 -18.56 -11.68
N GLU B 301 38.16 -18.09 -12.30
CA GLU B 301 38.93 -16.94 -11.80
C GLU B 301 38.47 -15.61 -12.39
N PRO B 302 38.09 -14.65 -11.52
CA PRO B 302 37.52 -13.34 -11.91
C PRO B 302 38.35 -12.69 -13.00
N ILE B 303 37.72 -12.15 -14.05
CA ILE B 303 38.51 -11.73 -15.21
C ILE B 303 38.85 -10.25 -15.20
N VAL B 304 38.17 -9.47 -14.36
CA VAL B 304 38.42 -8.04 -14.30
C VAL B 304 37.62 -7.41 -13.17
N SER B 305 38.13 -6.27 -12.70
CA SER B 305 37.33 -5.34 -11.89
C SER B 305 37.25 -4.01 -12.62
N PHE B 306 36.10 -3.32 -12.49
CA PHE B 306 35.98 -1.95 -12.99
C PHE B 306 34.92 -1.15 -12.25
N GLU B 307 35.04 0.17 -12.38
CA GLU B 307 34.11 1.09 -11.79
C GLU B 307 32.99 1.42 -12.78
N HIS B 308 31.76 1.50 -12.30
CA HIS B 308 30.71 2.08 -13.11
C HIS B 308 30.00 3.17 -12.33
N ALA B 309 30.01 4.39 -12.86
CA ALA B 309 29.46 5.53 -12.15
C ALA B 309 27.96 5.68 -12.33
N PHE B 310 27.30 5.98 -11.21
CA PHE B 310 25.92 6.46 -11.20
C PHE B 310 26.02 7.87 -10.67
N SER B 311 24.95 8.66 -10.77
CA SER B 311 24.96 9.99 -10.17
C SER B 311 25.28 9.91 -8.69
N HIS B 312 24.69 8.92 -8.01
CA HIS B 312 24.69 8.87 -6.55
C HIS B 312 25.51 7.73 -5.93
N LEU B 313 26.18 6.94 -6.75
CA LEU B 313 27.00 5.85 -6.25
C LEU B 313 27.88 5.31 -7.35
N VAL B 314 28.90 4.55 -6.98
CA VAL B 314 29.75 3.90 -7.96
C VAL B 314 29.83 2.40 -7.72
N TRP B 315 29.50 1.62 -8.74
CA TRP B 315 29.63 0.18 -8.62
C TRP B 315 31.08 -0.16 -8.82
N GLN B 316 31.54 -1.14 -8.06
CA GLN B 316 32.90 -1.66 -8.22
C GLN B 316 32.77 -3.12 -8.61
N LEU B 317 32.44 -3.32 -9.88
CA LEU B 317 32.11 -4.64 -10.35
C LEU B 317 33.34 -5.52 -10.44
N THR B 318 33.20 -6.77 -9.99
CA THR B 318 34.17 -7.80 -10.32
C THR B 318 33.42 -9.00 -10.90
N VAL B 319 33.89 -9.47 -12.05
CA VAL B 319 33.12 -10.45 -12.78
C VAL B 319 33.79 -11.82 -12.83
N PHE B 320 33.03 -12.79 -12.33
CA PHE B 320 33.41 -14.20 -12.26
C PHE B 320 32.72 -15.03 -13.35
N PRO B 321 33.47 -15.35 -14.43
CA PRO B 321 33.01 -16.31 -15.45
C PRO B 321 32.81 -17.70 -14.85
N GLY B 322 31.69 -18.34 -15.15
CA GLY B 322 31.41 -19.65 -14.61
C GLY B 322 30.69 -20.53 -15.59
N ARG B 323 30.40 -21.76 -15.17
CA ARG B 323 29.56 -22.65 -15.94
C ARG B 323 28.44 -23.18 -15.06
N LEU B 324 27.35 -23.55 -15.71
CA LEU B 324 26.12 -23.94 -15.05
C LEU B 324 25.83 -25.45 -15.24
N VAL B 325 25.01 -26.00 -14.35
CA VAL B 325 24.46 -27.34 -14.51
C VAL B 325 23.03 -27.25 -14.01
N HIS B 326 22.08 -27.65 -14.87
CA HIS B 326 20.68 -27.36 -14.64
C HIS B 326 20.21 -27.78 -13.26
N GLY B 327 19.68 -26.80 -12.52
CA GLY B 327 19.21 -26.99 -11.16
C GLY B 327 17.70 -26.98 -11.06
N GLY B 328 17.06 -27.49 -12.11
CA GLY B 328 15.62 -27.71 -12.13
C GLY B 328 14.81 -26.61 -12.78
N PRO B 329 13.69 -26.22 -12.13
CA PRO B 329 12.81 -25.15 -12.58
C PRO B 329 13.46 -23.76 -12.56
N VAL B 330 14.17 -23.40 -13.64
CA VAL B 330 14.72 -22.05 -13.78
C VAL B 330 13.59 -21.05 -13.97
N GLU B 331 12.79 -20.85 -12.94
CA GLU B 331 11.68 -19.91 -13.01
C GLU B 331 12.12 -18.55 -12.47
N GLU B 332 11.59 -18.16 -11.32
CA GLU B 332 12.09 -16.98 -10.63
C GLU B 332 11.93 -15.73 -11.50
N PRO B 333 12.65 -14.65 -11.15
CA PRO B 333 12.98 -13.68 -12.20
C PRO B 333 14.05 -14.20 -13.18
N TYR B 334 14.76 -15.27 -12.81
CA TYR B 334 15.94 -15.71 -13.58
C TYR B 334 15.59 -16.26 -14.96
N ARG B 335 16.61 -16.52 -15.78
CA ARG B 335 16.35 -16.98 -17.14
C ARG B 335 17.63 -17.50 -17.79
N LEU B 336 17.46 -18.34 -18.80
CA LEU B 336 18.59 -18.91 -19.50
C LEU B 336 18.49 -18.60 -20.98
N ALA B 337 18.96 -17.43 -21.40
CA ALA B 337 18.82 -17.05 -22.80
C ALA B 337 20.01 -17.51 -23.59
N PRO B 338 19.77 -18.08 -24.79
CA PRO B 338 20.85 -18.34 -25.74
C PRO B 338 21.64 -17.07 -25.99
N GLU B 339 22.92 -17.23 -26.27
CA GLU B 339 23.81 -16.12 -26.49
C GLU B 339 23.25 -15.11 -27.52
N ASP B 340 22.69 -15.61 -28.62
CA ASP B 340 22.29 -14.77 -29.74
C ASP B 340 21.04 -13.95 -29.44
N GLU B 341 20.25 -14.39 -28.48
CA GLU B 341 19.05 -13.66 -28.04
C GLU B 341 19.30 -12.72 -26.86
N LEU B 342 20.56 -12.58 -26.48
CA LEU B 342 20.88 -11.66 -25.39
C LEU B 342 20.56 -10.25 -25.81
N LYS B 343 20.77 -9.97 -27.10
CA LYS B 343 20.57 -8.65 -27.67
C LYS B 343 19.11 -8.20 -27.61
N ALA B 344 18.22 -9.12 -27.26
CA ALA B 344 16.80 -8.81 -27.22
C ALA B 344 16.46 -8.02 -25.98
N TYR B 345 17.23 -8.21 -24.92
CA TYR B 345 16.87 -7.65 -23.62
C TYR B 345 17.48 -6.28 -23.41
N ALA B 346 16.88 -5.56 -22.48
CA ALA B 346 17.37 -4.29 -21.97
C ALA B 346 18.41 -4.47 -20.85
N PHE B 347 19.66 -4.16 -21.16
CA PHE B 347 20.74 -4.22 -20.18
C PHE B 347 21.26 -2.83 -19.82
N PRO B 348 21.50 -2.58 -18.52
CA PRO B 348 22.26 -1.41 -18.10
C PRO B 348 23.64 -1.45 -18.73
N VAL B 349 24.20 -0.28 -19.00
CA VAL B 349 25.51 -0.19 -19.64
C VAL B 349 26.56 -0.96 -18.83
N SER B 350 26.47 -0.89 -17.50
CA SER B 350 27.28 -1.71 -16.59
C SER B 350 27.41 -3.13 -17.12
N HIS B 351 26.28 -3.80 -17.25
CA HIS B 351 26.29 -5.22 -17.59
C HIS B 351 26.58 -5.47 -19.07
N GLN B 352 26.29 -4.49 -19.93
CA GLN B 352 26.77 -4.57 -21.31
C GLN B 352 28.29 -4.69 -21.36
N ARG B 353 28.95 -3.92 -20.50
CA ARG B 353 30.40 -4.02 -20.39
C ARG B 353 30.82 -5.33 -19.72
N VAL B 354 30.03 -5.78 -18.76
CA VAL B 354 30.32 -7.08 -18.16
C VAL B 354 30.41 -8.15 -19.23
N TRP B 355 29.35 -8.25 -20.03
CA TRP B 355 29.34 -9.18 -21.15
C TRP B 355 30.57 -9.02 -22.03
N ARG B 356 30.84 -7.80 -22.49
CA ARG B 356 32.00 -7.57 -23.36
C ARG B 356 33.31 -8.06 -22.73
N GLU B 357 33.41 -7.93 -21.41
CA GLU B 357 34.60 -8.34 -20.70
C GLU B 357 34.69 -9.85 -20.80
N TYR B 358 33.58 -10.49 -20.48
CA TYR B 358 33.45 -11.93 -20.61
C TYR B 358 33.75 -12.41 -22.00
N LYS B 359 32.98 -11.91 -22.97
CA LYS B 359 33.09 -12.29 -24.36
C LYS B 359 34.52 -12.15 -24.88
N GLU B 360 35.28 -11.21 -24.31
CA GLU B 360 36.64 -11.05 -24.78
C GLU B 360 37.58 -11.90 -23.91
N TRP B 361 37.07 -12.44 -22.81
CA TRP B 361 37.88 -13.36 -22.04
C TRP B 361 38.16 -14.65 -22.85
N ALA B 362 37.27 -15.05 -23.75
CA ALA B 362 37.66 -16.07 -24.73
C ALA B 362 38.43 -15.43 -25.89
N SER B 363 39.70 -15.14 -25.67
CA SER B 363 40.51 -14.45 -26.65
C SER B 363 41.78 -15.18 -26.95
P 8OG D 6 -12.92 -9.66 11.74
OP1 8OG D 6 -13.94 -8.66 12.15
OP2 8OG D 6 -11.81 -9.16 10.91
O5' 8OG D 6 -12.32 -10.47 12.98
C5' 8OG D 6 -11.07 -10.14 13.59
C4' 8OG D 6 -11.33 -9.33 14.84
O4' 8OG D 6 -12.16 -10.14 15.72
C3' 8OG D 6 -10.11 -8.98 15.67
O3' 8OG D 6 -10.44 -7.80 16.38
C2' 8OG D 6 -9.94 -10.21 16.58
C1' 8OG D 6 -11.41 -10.57 16.84
N9 8OG D 6 -11.74 -12.00 17.04
C8 8OG D 6 -11.17 -13.11 16.47
N7 8OG D 6 -11.78 -14.18 16.93
C5 8OG D 6 -12.77 -13.80 17.81
C6 8OG D 6 -13.71 -14.55 18.58
O6 8OG D 6 -13.87 -15.79 18.61
N1 8OG D 6 -14.52 -13.69 19.34
C2 8OG D 6 -14.44 -12.31 19.35
N2 8OG D 6 -15.32 -11.65 20.13
N3 8OG D 6 -13.56 -11.63 18.63
C4 8OG D 6 -12.75 -12.42 17.88
O8 8OG D 6 -10.24 -13.12 15.66
P 8OG F 6 18.32 4.70 -12.74
OP1 8OG F 6 17.39 4.65 -13.91
OP2 8OG F 6 18.81 3.46 -12.13
O5' 8OG F 6 19.63 5.57 -13.05
C5' 8OG F 6 20.89 5.00 -13.34
C4' 8OG F 6 21.13 4.89 -14.83
O4' 8OG F 6 21.11 6.21 -15.40
C3' 8OG F 6 22.49 4.31 -15.21
O3' 8OG F 6 22.30 3.74 -16.49
C2' 8OG F 6 23.39 5.53 -15.24
C1' 8OG F 6 22.44 6.63 -15.71
N9 8OG F 6 22.64 7.98 -15.17
C8 8OG F 6 23.07 8.37 -13.92
N7 8OG F 6 23.08 9.68 -13.87
C5 8OG F 6 22.63 10.18 -15.08
C6 8OG F 6 22.43 11.50 -15.58
O6 8OG F 6 22.63 12.55 -14.99
N1 8OG F 6 21.94 11.53 -16.88
C2 8OG F 6 21.68 10.41 -17.62
N2 8OG F 6 21.22 10.55 -18.88
N3 8OG F 6 21.87 9.18 -17.15
C4 8OG F 6 22.35 9.12 -15.88
O8 8OG F 6 23.42 7.61 -13.01
FE1 SF4 G . -24.25 -30.76 35.95
FE2 SF4 G . -21.54 -31.88 36.03
FE3 SF4 G . -22.49 -30.57 33.66
FE4 SF4 G . -23.60 -33.11 34.39
S1 SF4 G . -21.55 -32.51 33.93
S2 SF4 G . -24.55 -31.23 33.89
S3 SF4 G . -23.48 -32.70 36.52
S4 SF4 G . -22.28 -29.87 35.71
FE1 SF4 H . 26.38 34.48 -20.74
FE2 SF4 H . 26.37 37.31 -20.21
FE3 SF4 H . 26.05 36.29 -22.93
FE4 SF4 H . 28.63 36.06 -21.56
S1 SF4 H . 27.36 37.74 -22.06
S2 SF4 H . 27.43 34.64 -22.67
S3 SF4 H . 27.75 35.70 -19.61
S4 SF4 H . 24.91 36.03 -21.13
#